data_2V6E
#
_entry.id   2V6E
#
_cell.length_a   157.973
_cell.length_b   157.973
_cell.length_c   90.842
_cell.angle_alpha   90.00
_cell.angle_beta   90.00
_cell.angle_gamma   90.00
#
_symmetry.space_group_name_H-M   'P 41'
#
loop_
_entity.id
_entity.type
_entity.pdbx_description
1 polymer PROTELEMORASE
2 polymer TELRL
3 polymer TELRL
4 non-polymer 'VANADATE ION'
#
loop_
_entity_poly.entity_id
_entity_poly.type
_entity_poly.pdbx_seq_one_letter_code
_entity_poly.pdbx_strand_id
1 'polypeptide(L)'
;MGSSHHHHHHSSGLVPRGSHMRKVKIGELINSLVSEVEAIDASDRPQGDKTKKIKAAALKYKNALFNDKRKFRGKGLEKR
ISANTFNSYMSRARKRFDDRLHHNFEKNVIKLSEKYPLYSEELSSWLSMPAASIRQHMSRLQAKLKEIMPLAEDLSNIKI
GTKNSEAKINKLANKYPEWQFAISDLNSEDWKDKRDYLYKLFQQGSSLLEDLNNLKVNHEVLYHLQLSSAERTSIQQRWA
NVLSEKKRNVVVIDYPRYMQAIYDIINKPIVSFDLTTRRGMAPLAFALAALSGRRMIEIMLQGEFSVAGKYTVTFLGQAK
KRSEDKGISRKIYTLCDATLFVSLVNELRSCPAAADFDEVIKGYGENDTRSENGRINAILATAFNPWVKTFLGDDRRVYK
DSRAIYARIAYEMFFRVDPRWKNVDEDVFFMEILGHDDENTQLHYKQFKLANFSRTWRPNVGEENARLAALQKLDSMMPD
FARGDAGVRIHETVKQLVEQDPSIKITNSTLRPFNFSTRLIPRYLEFAADALGQFVGENGQWQLKDEAPAIVLPDEEI
;
A,B
2 'polydeoxyribonucleotide'
;(DC)(DG)(DC)(DG)(DC)(DG)(DT)(DA)(DT)(DA)(DA)(DT)(DG)(DG)(DG)(DC)(DA)(DA)(DT)(DT)
(DG)(DT)(DG)(DT)(DG)
;
C,E
3 'polydeoxyribonucleotide' (DC)(DA)(DC)(DA)(DC)(DA)(DA)(DT)(DT)(DG)(DC)(DC)(DC)(DA)(DT)(DT)(DA)(DT)(DA) D,F
#
# COMPACT_ATOMS: atom_id res chain seq x y z
N VAL A 24 17.15 37.84 11.41
CA VAL A 24 18.39 37.10 11.80
C VAL A 24 19.42 37.09 10.64
N LYS A 25 20.52 36.35 10.81
CA LYS A 25 21.62 36.26 9.82
C LYS A 25 21.28 35.87 8.37
N ILE A 26 21.01 34.58 8.15
CA ILE A 26 20.68 34.09 6.81
C ILE A 26 19.27 33.47 6.81
N GLY A 27 18.43 33.92 7.74
CA GLY A 27 17.07 33.42 7.87
C GLY A 27 16.10 34.10 6.91
N GLU A 28 15.08 33.37 6.50
CA GLU A 28 14.06 33.86 5.58
C GLU A 28 12.84 34.48 6.27
N LEU A 29 12.35 33.80 7.30
CA LEU A 29 11.20 34.26 8.05
C LEU A 29 11.55 34.16 9.53
N ILE A 30 11.21 35.18 10.31
CA ILE A 30 11.52 35.15 11.74
C ILE A 30 10.52 34.23 12.45
N ASN A 31 10.13 33.17 11.76
CA ASN A 31 9.19 32.18 12.27
C ASN A 31 8.66 32.33 13.70
N SER A 32 9.48 31.91 14.66
CA SER A 32 9.14 31.96 16.08
C SER A 32 8.30 33.17 16.49
N LEU A 33 8.85 34.37 16.31
CA LEU A 33 8.14 35.60 16.63
C LEU A 33 6.76 35.43 16.01
N VAL A 34 6.74 35.37 14.68
CA VAL A 34 5.50 35.22 13.91
C VAL A 34 4.52 34.28 14.59
N SER A 35 4.89 33.01 14.71
CA SER A 35 4.03 32.00 15.31
C SER A 35 3.36 32.48 16.59
N GLU A 36 4.14 33.14 17.47
CA GLU A 36 3.59 33.66 18.73
C GLU A 36 2.86 34.97 18.54
N VAL A 37 3.32 35.75 17.55
CA VAL A 37 2.70 37.01 17.22
C VAL A 37 1.20 36.76 17.06
N GLU A 38 0.84 35.50 16.85
CA GLU A 38 -0.55 35.16 16.67
C GLU A 38 -1.17 34.34 17.80
N ALA A 39 -0.46 33.34 18.30
CA ALA A 39 -1.02 32.56 19.40
C ALA A 39 -1.35 33.53 20.53
N ILE A 40 -0.58 34.62 20.60
CA ILE A 40 -0.75 35.68 21.58
C ILE A 40 -1.93 36.57 21.19
N ASP A 41 -2.06 36.83 19.89
CA ASP A 41 -3.13 37.66 19.35
C ASP A 41 -4.47 36.94 19.40
N ALA A 42 -4.50 35.71 18.90
CA ALA A 42 -5.74 34.94 18.88
C ALA A 42 -6.10 34.39 20.24
N SER A 43 -5.36 34.74 21.29
CA SER A 43 -5.67 34.27 22.65
C SER A 43 -6.41 35.40 23.35
N ASP A 44 -6.28 36.59 22.79
CA ASP A 44 -6.95 37.77 23.32
C ASP A 44 -8.25 37.87 22.53
N ARG A 45 -8.16 37.68 21.21
CA ARG A 45 -9.30 37.72 20.32
C ARG A 45 -10.45 36.84 20.86
N PRO A 46 -10.13 35.78 21.61
CA PRO A 46 -11.17 34.89 22.17
C PRO A 46 -11.42 35.29 23.61
N GLN A 47 -10.53 36.13 24.14
CA GLN A 47 -10.62 36.64 25.49
C GLN A 47 -11.61 37.82 25.49
N GLY A 48 -11.51 38.65 24.46
CA GLY A 48 -12.36 39.82 24.32
C GLY A 48 -13.79 39.71 24.79
N ASP A 49 -14.41 40.86 25.07
CA ASP A 49 -15.80 40.90 25.52
C ASP A 49 -16.72 40.83 24.31
N LYS A 50 -16.24 41.32 23.16
CA LYS A 50 -17.02 41.27 21.93
C LYS A 50 -17.41 39.80 21.79
N THR A 51 -18.35 39.46 20.92
CA THR A 51 -18.74 38.06 20.84
C THR A 51 -18.68 37.33 19.51
N LYS A 52 -18.71 36.00 19.65
CA LYS A 52 -18.63 35.03 18.57
C LYS A 52 -18.68 35.50 17.13
N LYS A 53 -19.79 36.10 16.72
CA LYS A 53 -19.91 36.57 15.34
C LYS A 53 -18.65 37.29 14.84
N ILE A 54 -18.24 38.35 15.54
CA ILE A 54 -17.08 39.12 15.14
C ILE A 54 -15.75 38.41 15.44
N LYS A 55 -15.64 37.82 16.63
CA LYS A 55 -14.42 37.10 17.00
C LYS A 55 -13.92 36.22 15.84
N ALA A 56 -14.82 35.41 15.31
CA ALA A 56 -14.47 34.55 14.19
C ALA A 56 -13.95 35.43 13.06
N ALA A 57 -14.62 36.56 12.84
CA ALA A 57 -14.24 37.49 11.79
C ALA A 57 -12.80 37.96 11.95
N ALA A 58 -12.38 38.15 13.19
CA ALA A 58 -11.02 38.61 13.48
C ALA A 58 -9.97 37.48 13.46
N LEU A 59 -10.38 36.27 13.84
CA LEU A 59 -9.45 35.14 13.83
C LEU A 59 -8.96 34.96 12.41
N LYS A 60 -9.86 34.74 11.46
CA LYS A 60 -9.41 34.58 10.08
C LYS A 60 -8.36 35.65 9.85
N TYR A 61 -8.73 36.89 10.17
CA TYR A 61 -7.84 38.01 10.00
C TYR A 61 -6.44 37.63 10.44
N LYS A 62 -6.32 37.27 11.72
CA LYS A 62 -5.03 36.88 12.31
C LYS A 62 -4.26 35.94 11.40
N ASN A 63 -4.92 34.86 10.99
CA ASN A 63 -4.31 33.85 10.13
C ASN A 63 -3.73 34.39 8.84
N ALA A 64 -4.53 35.08 8.04
CA ALA A 64 -4.01 35.64 6.80
C ALA A 64 -2.77 36.45 7.17
N LEU A 65 -2.71 36.94 8.40
CA LEU A 65 -1.54 37.70 8.85
C LEU A 65 -0.38 36.71 8.90
N PHE A 66 -0.62 35.54 9.48
CA PHE A 66 0.39 34.47 9.61
C PHE A 66 0.71 33.91 8.24
N ASN A 67 -0.33 33.37 7.61
CA ASN A 67 -0.30 32.78 6.28
C ASN A 67 0.52 33.57 5.24
N ASP A 68 0.17 34.84 5.03
CA ASP A 68 0.85 35.68 4.05
C ASP A 68 2.31 35.88 4.38
N LYS A 69 2.58 36.26 5.61
CA LYS A 69 3.93 36.48 6.05
C LYS A 69 4.88 35.39 5.57
N ARG A 70 4.39 34.16 5.51
CA ARG A 70 5.26 33.04 5.12
C ARG A 70 5.35 32.68 3.64
N LYS A 71 4.23 32.69 2.92
CA LYS A 71 4.25 32.29 1.51
C LYS A 71 3.17 32.85 0.58
N PHE A 72 2.31 33.75 1.06
CA PHE A 72 1.22 34.28 0.22
C PHE A 72 1.32 35.67 -0.44
N ARG A 73 1.39 36.73 0.37
CA ARG A 73 1.46 38.09 -0.17
C ARG A 73 2.72 38.87 0.17
N GLY A 74 3.04 39.89 -0.62
CA GLY A 74 4.23 40.69 -0.39
C GLY A 74 5.51 39.86 -0.33
N LYS A 75 5.57 38.81 -1.15
CA LYS A 75 6.74 37.94 -1.21
C LYS A 75 7.22 37.79 -2.66
N GLY A 76 8.49 38.10 -2.89
CA GLY A 76 9.06 38.01 -4.22
C GLY A 76 8.93 36.63 -4.84
N LEU A 77 10.06 35.98 -5.09
CA LEU A 77 10.03 34.65 -5.68
C LEU A 77 11.14 33.73 -5.13
N GLU A 78 12.39 34.00 -5.49
CA GLU A 78 13.48 33.17 -5.01
C GLU A 78 13.86 33.50 -3.57
N LYS A 79 13.01 34.22 -2.86
CA LYS A 79 13.31 34.58 -1.48
C LYS A 79 12.26 34.10 -0.49
N ARG A 80 11.22 33.42 -0.99
CA ARG A 80 10.15 32.90 -0.13
C ARG A 80 10.50 31.45 0.21
N ILE A 81 9.86 30.89 1.23
CA ILE A 81 10.14 29.50 1.62
C ILE A 81 9.43 28.51 0.71
N SER A 82 9.71 27.22 0.89
CA SER A 82 9.12 26.17 0.06
C SER A 82 7.83 25.52 0.59
N ALA A 83 7.08 24.90 -0.31
CA ALA A 83 5.83 24.27 0.06
C ALA A 83 6.07 23.29 1.20
N ASN A 84 7.24 22.67 1.21
CA ASN A 84 7.59 21.75 2.26
C ASN A 84 7.81 22.57 3.54
N THR A 85 8.60 23.62 3.45
CA THR A 85 8.84 24.46 4.61
C THR A 85 7.54 25.13 5.01
N PHE A 86 6.60 25.28 4.09
CA PHE A 86 5.35 25.94 4.43
C PHE A 86 4.44 25.02 5.23
N ASN A 87 4.31 23.78 4.80
CA ASN A 87 3.41 22.86 5.50
C ASN A 87 4.02 22.41 6.82
N SER A 88 5.33 22.41 6.89
CA SER A 88 6.00 22.02 8.11
C SER A 88 5.69 23.11 9.15
N TYR A 89 5.86 24.37 8.76
CA TYR A 89 5.57 25.48 9.65
C TYR A 89 4.08 25.60 10.00
N MET A 90 3.20 25.24 9.07
CA MET A 90 1.79 25.28 9.39
C MET A 90 1.57 24.31 10.56
N SER A 91 1.98 23.05 10.37
CA SER A 91 1.85 22.03 11.40
C SER A 91 2.24 22.65 12.72
N ARG A 92 3.36 23.35 12.72
CA ARG A 92 3.84 23.99 13.93
C ARG A 92 2.78 24.89 14.52
N ALA A 93 2.37 25.93 13.80
CA ALA A 93 1.34 26.85 14.30
C ALA A 93 0.10 26.11 14.79
N ARG A 94 -0.43 25.25 13.94
CA ARG A 94 -1.61 24.50 14.32
C ARG A 94 -1.35 23.85 15.69
N LYS A 95 -0.33 23.00 15.76
CA LYS A 95 0.01 22.29 16.99
C LYS A 95 0.03 23.18 18.23
N ARG A 96 0.20 24.48 18.02
CA ARG A 96 0.28 25.39 19.15
C ARG A 96 -1.06 25.52 19.87
N PHE A 97 -2.13 25.01 19.26
CA PHE A 97 -3.46 25.07 19.88
C PHE A 97 -4.00 23.70 20.36
N ASP A 98 -3.25 22.64 20.09
CA ASP A 98 -3.66 21.30 20.49
C ASP A 98 -4.61 21.25 21.66
N ASP A 99 -4.16 21.76 22.79
CA ASP A 99 -4.93 21.76 24.03
C ASP A 99 -6.08 22.75 24.07
N ARG A 100 -6.69 23.05 22.93
CA ARG A 100 -7.80 23.99 22.92
C ARG A 100 -8.90 23.54 21.93
N LEU A 101 -10.13 23.40 22.43
CA LEU A 101 -11.25 22.98 21.60
C LEU A 101 -12.15 24.12 21.16
N HIS A 102 -12.93 23.84 20.11
CA HIS A 102 -13.87 24.78 19.50
C HIS A 102 -14.74 25.46 20.55
N HIS A 103 -15.03 26.74 20.34
CA HIS A 103 -15.86 27.52 21.27
C HIS A 103 -17.25 26.91 21.40
N ASN A 104 -17.76 26.52 20.25
CA ASN A 104 -19.09 25.95 20.10
C ASN A 104 -19.10 24.44 20.43
N PHE A 105 -18.00 23.93 20.96
CA PHE A 105 -17.90 22.50 21.29
C PHE A 105 -18.76 22.04 22.46
N GLU A 106 -18.33 22.37 23.67
CA GLU A 106 -19.05 21.99 24.88
C GLU A 106 -20.54 22.28 24.73
N LYS A 107 -20.85 23.50 24.32
CA LYS A 107 -22.24 23.91 24.08
C LYS A 107 -22.88 22.69 23.43
N ASN A 108 -22.24 22.24 22.36
CA ASN A 108 -22.72 21.10 21.57
C ASN A 108 -22.75 19.74 22.23
N VAL A 109 -21.65 19.32 22.83
CA VAL A 109 -21.63 18.01 23.48
C VAL A 109 -22.88 17.85 24.34
N ILE A 110 -23.25 18.92 25.04
CA ILE A 110 -24.43 18.90 25.91
C ILE A 110 -25.64 18.54 25.04
N LYS A 111 -25.88 19.37 24.02
CA LYS A 111 -27.00 19.16 23.10
C LYS A 111 -27.18 17.70 22.68
N LEU A 112 -26.06 16.98 22.49
CA LEU A 112 -26.11 15.58 22.09
C LEU A 112 -26.47 14.66 23.25
N SER A 113 -26.06 15.01 24.46
CA SER A 113 -26.40 14.19 25.62
C SER A 113 -27.92 14.21 25.65
N GLU A 114 -28.46 15.42 25.62
CA GLU A 114 -29.90 15.63 25.61
C GLU A 114 -30.51 14.82 24.48
N LYS A 115 -29.96 15.02 23.28
CA LYS A 115 -30.44 14.38 22.06
C LYS A 115 -30.34 12.85 22.05
N TYR A 116 -29.28 12.31 22.63
CA TYR A 116 -29.09 10.86 22.67
C TYR A 116 -28.82 10.47 24.12
N PRO A 117 -29.79 9.83 24.77
CA PRO A 117 -29.67 9.40 26.16
C PRO A 117 -28.70 8.26 26.42
N LEU A 118 -28.99 7.09 25.88
CA LEU A 118 -28.13 5.92 26.07
C LEU A 118 -26.64 6.20 25.94
N TYR A 119 -26.28 7.40 25.51
CA TYR A 119 -24.88 7.77 25.36
C TYR A 119 -24.56 9.08 26.08
N SER A 120 -25.34 9.41 27.11
CA SER A 120 -25.12 10.66 27.85
C SER A 120 -24.10 10.50 28.97
N GLU A 121 -23.81 9.27 29.35
CA GLU A 121 -22.83 9.04 30.40
C GLU A 121 -21.46 9.38 29.80
N GLU A 122 -21.19 8.79 28.64
CA GLU A 122 -19.92 9.03 27.96
C GLU A 122 -19.82 10.44 27.43
N LEU A 123 -20.84 10.87 26.68
CA LEU A 123 -20.81 12.20 26.13
C LEU A 123 -20.58 13.26 27.20
N SER A 124 -21.37 13.20 28.27
CA SER A 124 -21.25 14.16 29.36
C SER A 124 -20.00 13.99 30.19
N SER A 125 -19.42 12.79 30.18
CA SER A 125 -18.21 12.55 30.96
C SER A 125 -17.04 13.29 30.32
N TRP A 126 -17.27 13.88 29.15
CA TRP A 126 -16.21 14.61 28.47
C TRP A 126 -16.08 15.97 29.14
N LEU A 127 -16.91 16.92 28.71
CA LEU A 127 -16.92 18.29 29.24
C LEU A 127 -15.65 18.74 29.94
N SER A 128 -15.62 18.58 31.25
CA SER A 128 -14.45 18.96 32.00
C SER A 128 -13.42 17.84 31.91
N MET A 129 -12.59 17.93 30.88
CA MET A 129 -11.53 16.97 30.65
C MET A 129 -10.54 17.64 29.73
N PRO A 130 -9.30 17.17 29.71
CA PRO A 130 -8.35 17.83 28.82
C PRO A 130 -8.74 17.55 27.37
N ALA A 131 -8.39 18.47 26.48
CA ALA A 131 -8.72 18.26 25.08
C ALA A 131 -7.97 16.99 24.69
N ALA A 132 -6.70 16.95 25.07
CA ALA A 132 -5.80 15.83 24.78
C ALA A 132 -6.42 14.46 24.93
N SER A 133 -7.45 14.33 25.77
CA SER A 133 -8.09 13.04 25.95
C SER A 133 -9.56 12.99 25.52
N ILE A 134 -10.12 14.14 25.14
CA ILE A 134 -11.49 14.17 24.63
C ILE A 134 -11.36 13.55 23.25
N ARG A 135 -10.40 14.09 22.49
CA ARG A 135 -10.11 13.62 21.13
C ARG A 135 -9.93 12.12 21.11
N GLN A 136 -9.31 11.58 22.14
CA GLN A 136 -9.07 10.16 22.24
C GLN A 136 -10.37 9.44 22.59
N HIS A 137 -11.19 10.09 23.40
CA HIS A 137 -12.46 9.49 23.78
C HIS A 137 -13.48 9.52 22.66
N MET A 138 -13.36 10.52 21.79
CA MET A 138 -14.28 10.66 20.68
C MET A 138 -14.02 9.72 19.52
N SER A 139 -12.75 9.50 19.21
CA SER A 139 -12.42 8.61 18.11
C SER A 139 -12.67 7.18 18.56
N ARG A 140 -12.46 6.90 19.84
CA ARG A 140 -12.70 5.57 20.38
C ARG A 140 -14.19 5.28 20.29
N LEU A 141 -15.00 6.30 20.55
CA LEU A 141 -16.46 6.19 20.52
C LEU A 141 -16.92 6.10 19.07
N GLN A 142 -16.31 6.93 18.23
CA GLN A 142 -16.66 6.88 16.83
C GLN A 142 -16.37 5.47 16.34
N ALA A 143 -15.18 4.97 16.67
CA ALA A 143 -14.78 3.61 16.28
C ALA A 143 -15.83 2.58 16.67
N LYS A 144 -16.26 2.64 17.94
CA LYS A 144 -17.26 1.72 18.47
C LYS A 144 -18.58 1.84 17.73
N LEU A 145 -19.00 3.07 17.46
CA LEU A 145 -20.25 3.30 16.75
C LEU A 145 -20.17 2.84 15.28
N LYS A 146 -19.03 3.07 14.64
CA LYS A 146 -18.86 2.70 13.25
C LYS A 146 -19.01 1.20 13.02
N GLU A 147 -19.03 0.41 14.11
CA GLU A 147 -19.19 -1.03 13.99
C GLU A 147 -20.63 -1.48 14.06
N ILE A 148 -21.54 -0.53 14.22
CA ILE A 148 -22.96 -0.84 14.30
C ILE A 148 -23.44 -1.42 12.98
N MET A 149 -23.26 -0.65 11.90
CA MET A 149 -23.70 -1.08 10.58
C MET A 149 -23.52 -2.57 10.34
N PRO A 150 -22.29 -3.08 10.42
CA PRO A 150 -22.03 -4.51 10.21
C PRO A 150 -22.65 -5.43 11.24
N LEU A 151 -22.45 -5.11 12.52
CA LEU A 151 -22.97 -5.92 13.62
C LEU A 151 -24.49 -6.17 13.49
N ALA A 152 -25.22 -5.14 13.12
CA ALA A 152 -26.66 -5.25 12.97
C ALA A 152 -26.98 -6.12 11.77
N GLU A 153 -26.20 -6.01 10.71
CA GLU A 153 -26.44 -6.83 9.52
C GLU A 153 -26.19 -8.31 9.82
N ASP A 154 -25.24 -8.59 10.70
CA ASP A 154 -24.93 -9.96 11.08
C ASP A 154 -26.11 -10.53 11.85
N LEU A 155 -26.67 -9.73 12.76
CA LEU A 155 -27.81 -10.18 13.56
C LEU A 155 -29.05 -10.32 12.70
N SER A 156 -29.26 -9.37 11.79
CA SER A 156 -30.41 -9.41 10.90
C SER A 156 -30.28 -10.63 9.98
N ASN A 157 -29.64 -11.66 10.51
CA ASN A 157 -29.40 -12.90 9.79
C ASN A 157 -29.15 -14.00 10.81
N ILE A 158 -29.71 -13.83 12.01
CA ILE A 158 -29.57 -14.79 13.10
C ILE A 158 -30.91 -15.07 13.77
N LYS A 159 -31.27 -16.35 13.87
CA LYS A 159 -32.52 -16.79 14.49
C LYS A 159 -32.49 -16.48 15.99
N ILE A 160 -33.21 -15.44 16.40
CA ILE A 160 -33.24 -15.01 17.80
C ILE A 160 -33.67 -16.11 18.78
N GLY A 161 -34.14 -17.24 18.27
CA GLY A 161 -34.57 -18.35 19.11
C GLY A 161 -33.44 -19.18 19.68
N THR A 162 -33.73 -19.93 20.75
CA THR A 162 -32.74 -20.78 21.42
C THR A 162 -32.34 -22.07 20.66
N LYS A 163 -32.32 -22.01 19.33
CA LYS A 163 -31.96 -23.19 18.53
C LYS A 163 -30.48 -23.16 18.17
N ASN A 164 -30.00 -22.01 17.74
CA ASN A 164 -28.60 -21.84 17.35
C ASN A 164 -28.06 -20.55 17.98
N SER A 165 -28.93 -19.84 18.69
CA SER A 165 -28.56 -18.59 19.33
C SER A 165 -27.31 -18.75 20.21
N GLU A 166 -27.41 -19.59 21.24
CA GLU A 166 -26.28 -19.82 22.15
C GLU A 166 -24.92 -19.79 21.44
N ALA A 167 -24.78 -20.62 20.40
CA ALA A 167 -23.54 -20.72 19.65
C ALA A 167 -23.18 -19.45 18.87
N LYS A 168 -23.98 -19.13 17.86
CA LYS A 168 -23.75 -17.96 17.02
C LYS A 168 -23.47 -16.73 17.86
N ILE A 169 -24.37 -16.42 18.79
CA ILE A 169 -24.23 -15.26 19.67
C ILE A 169 -22.89 -15.24 20.40
N ASN A 170 -22.58 -16.27 21.18
CA ASN A 170 -21.32 -16.29 21.90
C ASN A 170 -20.10 -16.30 20.99
N LYS A 171 -20.33 -16.47 19.70
CA LYS A 171 -19.24 -16.48 18.73
C LYS A 171 -19.11 -15.07 18.18
N LEU A 172 -20.25 -14.51 17.78
CA LEU A 172 -20.34 -13.16 17.23
C LEU A 172 -20.18 -12.10 18.31
N ALA A 173 -20.78 -12.35 19.46
CA ALA A 173 -20.71 -11.43 20.60
C ALA A 173 -19.25 -11.31 21.02
N ASN A 174 -18.54 -12.43 21.02
CA ASN A 174 -17.14 -12.41 21.40
C ASN A 174 -16.29 -11.90 20.23
N LYS A 175 -16.98 -11.55 19.13
CA LYS A 175 -16.30 -11.05 17.94
C LYS A 175 -16.35 -9.51 17.89
N TYR A 176 -17.30 -8.93 18.61
CA TYR A 176 -17.46 -7.47 18.66
C TYR A 176 -17.35 -6.98 20.12
N PRO A 177 -16.12 -6.90 20.65
CA PRO A 177 -15.81 -6.45 22.01
C PRO A 177 -16.78 -5.50 22.74
N GLU A 178 -16.67 -4.20 22.54
CA GLU A 178 -17.59 -3.33 23.29
C GLU A 178 -19.04 -3.41 22.87
N TRP A 179 -19.57 -4.62 22.95
CA TRP A 179 -20.96 -4.90 22.64
C TRP A 179 -21.26 -6.21 23.33
N GLN A 180 -20.21 -6.98 23.65
CA GLN A 180 -20.34 -8.26 24.33
C GLN A 180 -21.25 -8.17 25.54
N PHE A 181 -21.25 -7.00 26.15
CA PHE A 181 -22.08 -6.76 27.31
C PHE A 181 -23.56 -6.76 26.94
N ALA A 182 -23.88 -6.17 25.79
CA ALA A 182 -25.26 -6.10 25.33
C ALA A 182 -25.61 -7.19 24.31
N ILE A 183 -24.61 -7.91 23.82
CA ILE A 183 -24.86 -8.98 22.86
C ILE A 183 -25.07 -10.29 23.59
N SER A 184 -24.06 -10.70 24.35
CA SER A 184 -24.11 -11.94 25.11
C SER A 184 -25.33 -11.97 26.01
N ASP A 185 -25.92 -10.80 26.24
CA ASP A 185 -27.10 -10.70 27.10
C ASP A 185 -28.38 -10.86 26.29
N LEU A 186 -28.30 -11.62 25.21
CA LEU A 186 -29.48 -11.86 24.37
C LEU A 186 -30.02 -13.24 24.69
N ASN A 187 -29.15 -14.24 24.63
CA ASN A 187 -29.53 -15.61 24.94
C ASN A 187 -29.20 -15.90 26.41
N SER A 188 -30.02 -15.35 27.31
CA SER A 188 -29.75 -15.56 28.74
C SER A 188 -31.00 -15.48 29.61
N GLU A 189 -30.82 -14.97 30.82
CA GLU A 189 -31.91 -14.83 31.79
C GLU A 189 -33.05 -14.02 31.14
N ASP A 190 -32.71 -13.22 30.14
CA ASP A 190 -33.69 -12.41 29.40
C ASP A 190 -33.65 -12.72 27.90
N TRP A 191 -34.54 -12.09 27.15
CA TRP A 191 -34.59 -12.34 25.71
C TRP A 191 -35.10 -11.12 24.93
N LYS A 192 -36.41 -11.08 24.72
CA LYS A 192 -37.06 -10.01 23.97
C LYS A 192 -36.65 -8.60 24.40
N ASP A 193 -37.10 -8.18 25.58
CA ASP A 193 -36.79 -6.84 26.07
C ASP A 193 -35.31 -6.42 25.97
N LYS A 194 -34.40 -7.34 26.26
CA LYS A 194 -32.98 -7.01 26.20
C LYS A 194 -32.49 -6.88 24.75
N ARG A 195 -33.29 -7.41 23.83
CA ARG A 195 -32.97 -7.34 22.40
C ARG A 195 -33.40 -5.95 21.94
N ASP A 196 -34.69 -5.67 22.04
CA ASP A 196 -35.22 -4.36 21.64
C ASP A 196 -34.30 -3.28 22.19
N TYR A 197 -33.63 -3.59 23.30
CA TYR A 197 -32.70 -2.66 23.92
C TYR A 197 -31.63 -2.27 22.92
N LEU A 198 -30.93 -3.27 22.39
CA LEU A 198 -29.87 -3.05 21.40
C LEU A 198 -30.29 -2.10 20.30
N TYR A 199 -31.40 -2.42 19.63
CA TYR A 199 -31.91 -1.59 18.55
C TYR A 199 -32.02 -0.14 18.99
N LYS A 200 -32.12 0.08 20.30
CA LYS A 200 -32.19 1.44 20.83
C LYS A 200 -30.77 1.98 20.90
N LEU A 201 -29.82 1.09 21.20
CA LEU A 201 -28.42 1.48 21.25
C LEU A 201 -27.98 1.70 19.81
N PHE A 202 -28.59 0.95 18.90
CA PHE A 202 -28.28 1.06 17.48
C PHE A 202 -28.83 2.33 16.85
N GLN A 203 -30.16 2.48 16.83
CA GLN A 203 -30.74 3.67 16.21
C GLN A 203 -30.23 4.99 16.79
N GLN A 204 -29.79 4.95 18.04
CA GLN A 204 -29.28 6.14 18.69
C GLN A 204 -27.80 6.36 18.36
N GLY A 205 -27.00 5.30 18.52
CA GLY A 205 -25.59 5.41 18.22
C GLY A 205 -25.32 5.64 16.74
N SER A 206 -26.23 5.14 15.92
CA SER A 206 -26.08 5.28 14.49
C SER A 206 -26.22 6.75 14.08
N SER A 207 -27.18 7.47 14.68
CA SER A 207 -27.34 8.86 14.30
C SER A 207 -26.39 9.74 15.12
N LEU A 208 -25.88 9.20 16.22
CA LEU A 208 -24.95 9.98 17.04
C LEU A 208 -23.73 10.19 16.17
N LEU A 209 -23.20 9.08 15.66
CA LEU A 209 -22.03 9.08 14.80
C LEU A 209 -22.23 10.08 13.68
N GLU A 210 -23.36 9.98 12.98
CA GLU A 210 -23.64 10.91 11.89
C GLU A 210 -23.37 12.32 12.41
N ASP A 211 -23.70 12.58 13.68
CA ASP A 211 -23.47 13.91 14.29
C ASP A 211 -22.07 14.10 14.91
N LEU A 212 -21.50 13.02 15.45
CA LEU A 212 -20.17 13.08 16.04
C LEU A 212 -19.15 13.36 14.93
N ASN A 213 -19.40 12.82 13.74
CA ASN A 213 -18.51 13.04 12.59
C ASN A 213 -18.52 14.48 12.13
N ASN A 214 -19.72 15.06 12.11
CA ASN A 214 -19.90 16.43 11.69
C ASN A 214 -19.48 17.41 12.75
N LEU A 215 -19.51 16.98 14.02
CA LEU A 215 -19.13 17.87 15.11
C LEU A 215 -17.72 18.44 14.99
N LYS A 216 -17.58 19.76 15.09
CA LYS A 216 -16.28 20.42 15.03
C LYS A 216 -15.61 20.27 16.39
N VAL A 217 -14.35 19.85 16.41
CA VAL A 217 -13.64 19.67 17.67
C VAL A 217 -12.54 20.70 17.92
N ASN A 218 -11.44 20.61 17.19
CA ASN A 218 -10.33 21.53 17.35
C ASN A 218 -10.67 23.02 17.11
N HIS A 219 -9.91 23.89 17.77
CA HIS A 219 -10.11 25.33 17.70
C HIS A 219 -10.33 25.95 16.31
N GLU A 220 -11.34 26.81 16.26
CA GLU A 220 -11.74 27.52 15.06
C GLU A 220 -10.62 27.98 14.14
N VAL A 221 -9.54 28.49 14.72
CA VAL A 221 -8.42 28.97 13.93
C VAL A 221 -7.91 27.92 12.96
N LEU A 222 -7.71 26.70 13.46
CA LEU A 222 -7.20 25.61 12.64
C LEU A 222 -7.82 25.50 11.25
N TYR A 223 -9.11 25.78 11.18
CA TYR A 223 -9.82 25.68 9.91
C TYR A 223 -9.38 26.75 8.89
N HIS A 224 -8.48 27.63 9.31
CA HIS A 224 -8.00 28.69 8.43
C HIS A 224 -6.49 28.58 8.27
N LEU A 225 -5.88 27.79 9.13
CA LEU A 225 -4.42 27.56 9.09
C LEU A 225 -4.11 26.39 8.20
N GLN A 226 -4.95 26.16 7.20
CA GLN A 226 -4.80 25.07 6.23
C GLN A 226 -4.06 25.60 5.01
N LEU A 227 -3.48 24.71 4.21
CA LEU A 227 -2.83 25.17 2.97
C LEU A 227 -4.03 25.52 2.11
N SER A 228 -4.02 25.14 0.85
CA SER A 228 -5.16 25.43 0.00
C SER A 228 -5.20 24.32 -1.03
N SER A 229 -6.40 23.87 -1.38
CA SER A 229 -6.51 22.81 -2.37
C SER A 229 -5.38 22.90 -3.38
N ALA A 230 -5.21 24.08 -3.96
CA ALA A 230 -4.16 24.28 -4.95
C ALA A 230 -2.80 23.84 -4.42
N GLU A 231 -2.42 24.44 -3.30
CA GLU A 231 -1.15 24.15 -2.67
C GLU A 231 -1.05 22.72 -2.15
N ARG A 232 -2.09 22.25 -1.49
CA ARG A 232 -2.10 20.89 -0.95
C ARG A 232 -2.01 19.87 -2.07
N THR A 233 -2.96 19.92 -2.98
CA THR A 233 -3.00 19.01 -4.11
C THR A 233 -1.67 18.87 -4.81
N SER A 234 -1.04 19.97 -5.14
CA SER A 234 0.25 19.91 -5.83
C SER A 234 1.41 19.42 -4.96
N ILE A 235 1.31 19.54 -3.64
CA ILE A 235 2.40 19.01 -2.82
C ILE A 235 2.17 17.52 -2.83
N GLN A 236 0.98 17.13 -2.40
CA GLN A 236 0.54 15.75 -2.31
C GLN A 236 0.82 14.96 -3.59
N GLN A 237 0.86 15.62 -4.73
CA GLN A 237 1.15 14.93 -5.97
C GLN A 237 2.65 14.83 -6.11
N ARG A 238 3.34 15.90 -5.73
CA ARG A 238 4.80 15.91 -5.81
C ARG A 238 5.35 14.73 -4.99
N TRP A 239 4.98 14.68 -3.72
CA TRP A 239 5.43 13.62 -2.86
C TRP A 239 5.11 12.28 -3.50
N ALA A 240 3.87 12.15 -3.96
CA ALA A 240 3.42 10.94 -4.61
C ALA A 240 4.39 10.56 -5.73
N ASN A 241 4.90 11.57 -6.44
CA ASN A 241 5.83 11.33 -7.54
C ASN A 241 7.23 10.92 -7.06
N VAL A 242 7.72 11.58 -6.01
CA VAL A 242 9.04 11.30 -5.47
C VAL A 242 9.23 9.89 -4.98
N LEU A 243 8.20 9.33 -4.34
CA LEU A 243 8.32 7.97 -3.84
C LEU A 243 8.11 6.95 -4.97
N SER A 244 7.52 7.42 -6.06
CA SER A 244 7.28 6.54 -7.19
C SER A 244 8.58 6.32 -7.96
N GLU A 245 9.28 7.41 -8.25
CA GLU A 245 10.54 7.29 -8.96
C GLU A 245 11.46 6.43 -8.11
N LYS A 246 11.25 6.49 -6.80
CA LYS A 246 12.04 5.75 -5.82
C LYS A 246 11.90 4.23 -5.90
N LYS A 247 10.68 3.77 -6.10
CA LYS A 247 10.43 2.34 -6.22
C LYS A 247 10.92 1.83 -7.59
N ARG A 248 11.25 2.76 -8.48
CA ARG A 248 11.77 2.38 -9.79
C ARG A 248 13.29 2.61 -9.79
N ASN A 249 13.87 2.78 -8.61
CA ASN A 249 15.33 2.95 -8.51
C ASN A 249 15.89 2.30 -7.27
N VAL A 250 16.02 0.98 -7.33
CA VAL A 250 16.55 0.21 -6.23
C VAL A 250 18.07 0.35 -6.17
N VAL A 251 18.61 0.15 -4.98
CA VAL A 251 20.04 0.24 -4.71
C VAL A 251 20.49 -1.09 -4.13
N VAL A 252 21.29 -1.84 -4.88
CA VAL A 252 21.76 -3.15 -4.41
C VAL A 252 22.89 -3.07 -3.38
N ILE A 253 22.72 -3.82 -2.29
CA ILE A 253 23.69 -3.87 -1.21
C ILE A 253 24.35 -5.26 -1.15
N ASP A 254 25.64 -5.28 -0.80
CA ASP A 254 26.38 -6.55 -0.68
C ASP A 254 26.24 -7.06 0.77
N TYR A 255 25.33 -8.01 0.97
CA TYR A 255 25.06 -8.52 2.31
C TYR A 255 26.27 -8.77 3.21
N PRO A 256 27.17 -9.70 2.82
CA PRO A 256 28.33 -9.93 3.69
C PRO A 256 29.28 -8.78 3.91
N ARG A 257 29.57 -7.98 2.88
CA ARG A 257 30.47 -6.85 3.07
C ARG A 257 29.87 -5.93 4.11
N TYR A 258 28.60 -5.63 3.89
CA TYR A 258 27.83 -4.77 4.78
C TYR A 258 27.82 -5.36 6.17
N MET A 259 27.24 -6.55 6.29
CA MET A 259 27.18 -7.21 7.58
C MET A 259 28.53 -7.14 8.29
N GLN A 260 29.60 -7.47 7.57
CA GLN A 260 30.94 -7.45 8.16
C GLN A 260 31.28 -6.10 8.75
N ALA A 261 31.28 -5.07 7.90
CA ALA A 261 31.58 -3.70 8.31
C ALA A 261 30.83 -3.33 9.55
N ILE A 262 29.62 -3.88 9.68
CA ILE A 262 28.80 -3.61 10.86
C ILE A 262 29.35 -4.35 12.06
N TYR A 263 29.57 -5.64 11.92
CA TYR A 263 30.10 -6.43 13.02
C TYR A 263 31.44 -5.84 13.50
N ASP A 264 32.22 -5.31 12.56
CA ASP A 264 33.50 -4.72 12.91
C ASP A 264 33.34 -3.46 13.76
N ILE A 265 32.20 -2.79 13.64
CA ILE A 265 31.95 -1.61 14.44
C ILE A 265 31.59 -2.09 15.84
N ILE A 266 30.68 -3.05 15.92
CA ILE A 266 30.22 -3.58 17.20
C ILE A 266 31.31 -4.10 18.12
N ASN A 267 32.40 -4.62 17.54
CA ASN A 267 33.51 -5.16 18.33
C ASN A 267 34.44 -4.16 19.00
N LYS A 268 34.91 -3.16 18.26
CA LYS A 268 35.79 -2.17 18.85
C LYS A 268 35.31 -1.87 20.26
N PRO A 269 36.12 -2.18 21.28
CA PRO A 269 35.67 -1.89 22.65
C PRO A 269 35.18 -0.45 22.74
N ILE A 270 34.16 -0.23 23.55
CA ILE A 270 33.58 1.09 23.70
C ILE A 270 34.62 2.19 23.81
N VAL A 271 35.74 1.91 24.47
CA VAL A 271 36.78 2.92 24.63
C VAL A 271 37.52 3.16 23.33
N SER A 272 37.59 2.13 22.51
CA SER A 272 38.27 2.21 21.24
C SER A 272 37.94 3.49 20.49
N PHE A 273 36.72 4.00 20.64
CA PHE A 273 36.43 5.21 19.91
C PHE A 273 35.94 6.42 20.68
N ASP A 274 36.25 7.58 20.10
CA ASP A 274 35.92 8.89 20.63
C ASP A 274 34.41 9.09 20.76
N LEU A 275 34.00 9.58 21.93
CA LEU A 275 32.59 9.83 22.16
C LEU A 275 32.46 11.15 22.89
N THR A 276 33.45 12.00 22.67
CA THR A 276 33.47 13.32 23.30
C THR A 276 32.98 14.32 22.26
N THR A 277 32.66 13.81 21.07
CA THR A 277 32.17 14.64 19.97
C THR A 277 30.83 14.07 19.52
N ARG A 278 30.01 14.91 18.93
CA ARG A 278 28.72 14.43 18.46
C ARG A 278 28.95 13.43 17.32
N ARG A 279 29.88 13.76 16.42
CA ARG A 279 30.20 12.88 15.30
C ARG A 279 30.77 11.54 15.75
N GLY A 280 31.57 11.58 16.81
CA GLY A 280 32.19 10.37 17.30
C GLY A 280 31.24 9.19 17.42
N MET A 281 30.05 9.45 17.97
CA MET A 281 29.09 8.38 18.12
C MET A 281 28.31 8.05 16.85
N ALA A 282 28.72 8.60 15.71
CA ALA A 282 28.03 8.29 14.46
C ALA A 282 28.17 6.80 14.15
N PRO A 283 29.40 6.33 13.88
CA PRO A 283 29.57 4.91 13.55
C PRO A 283 28.75 3.94 14.44
N LEU A 284 28.87 4.10 15.74
CA LEU A 284 28.13 3.25 16.65
C LEU A 284 26.61 3.47 16.54
N ALA A 285 26.19 4.73 16.47
CA ALA A 285 24.77 5.05 16.35
C ALA A 285 24.18 4.43 15.11
N PHE A 286 24.83 4.64 13.97
CA PHE A 286 24.32 4.07 12.72
C PHE A 286 24.30 2.57 12.79
N ALA A 287 25.33 1.99 13.41
CA ALA A 287 25.43 0.54 13.54
C ALA A 287 24.24 -0.04 14.32
N LEU A 288 24.03 0.46 15.54
CA LEU A 288 22.92 0.00 16.38
C LEU A 288 21.62 0.09 15.60
N ALA A 289 21.45 1.20 14.90
CA ALA A 289 20.26 1.42 14.10
C ALA A 289 20.18 0.41 12.93
N ALA A 290 21.36 0.09 12.39
CA ALA A 290 21.48 -0.86 11.27
C ALA A 290 21.18 -2.29 11.69
N LEU A 291 21.33 -2.59 12.98
CA LEU A 291 21.10 -3.93 13.50
C LEU A 291 19.69 -4.19 13.97
N SER A 292 18.98 -3.13 14.36
CA SER A 292 17.62 -3.25 14.91
C SER A 292 16.53 -2.71 14.00
N GLY A 293 16.89 -1.68 13.23
CA GLY A 293 15.93 -1.08 12.34
C GLY A 293 15.10 -0.03 13.05
N ARG A 294 15.57 0.46 14.18
CA ARG A 294 14.81 1.49 14.87
C ARG A 294 15.20 2.85 14.31
N ARG A 295 14.36 3.83 14.55
CA ARG A 295 14.62 5.17 14.06
C ARG A 295 15.70 5.82 14.91
N MET A 296 16.43 6.77 14.33
CA MET A 296 17.50 7.46 15.04
C MET A 296 17.03 7.88 16.43
N ILE A 297 16.00 8.73 16.50
CA ILE A 297 15.52 9.17 17.79
C ILE A 297 15.26 8.00 18.74
N GLU A 298 14.59 6.96 18.24
CA GLU A 298 14.28 5.80 19.05
C GLU A 298 15.54 5.22 19.71
N ILE A 299 16.63 5.15 18.95
CA ILE A 299 17.89 4.63 19.45
C ILE A 299 18.50 5.62 20.45
N MET A 300 18.77 6.82 19.94
CA MET A 300 19.37 7.88 20.75
C MET A 300 18.60 8.36 21.97
N LEU A 301 17.28 8.27 22.01
CA LEU A 301 16.58 8.85 23.15
C LEU A 301 15.41 8.20 23.88
N GLN A 302 14.31 7.96 23.18
CA GLN A 302 13.13 7.40 23.83
C GLN A 302 12.87 5.92 23.64
N GLY A 303 13.78 5.22 23.00
CA GLY A 303 13.59 3.79 22.81
C GLY A 303 13.89 3.04 24.09
N GLU A 304 13.20 1.92 24.31
CA GLU A 304 13.44 1.13 25.51
C GLU A 304 13.40 -0.36 25.18
N PHE A 305 14.54 -1.01 25.37
CA PHE A 305 14.66 -2.43 25.05
C PHE A 305 15.04 -3.34 26.20
N SER A 306 14.71 -4.61 26.05
CA SER A 306 15.03 -5.64 27.03
C SER A 306 15.10 -6.95 26.23
N VAL A 307 16.17 -7.70 26.41
CA VAL A 307 16.35 -8.94 25.66
C VAL A 307 15.14 -9.86 25.72
N ALA A 308 14.99 -10.69 24.68
CA ALA A 308 13.88 -11.65 24.58
C ALA A 308 14.36 -12.97 24.00
N GLY A 309 15.57 -12.98 23.46
CA GLY A 309 16.13 -14.18 22.89
C GLY A 309 17.44 -13.80 22.24
N LYS A 310 18.10 -14.77 21.59
CA LYS A 310 19.37 -14.47 20.94
C LYS A 310 19.22 -13.35 19.92
N TYR A 311 18.19 -13.42 19.10
CA TYR A 311 18.01 -12.39 18.08
C TYR A 311 16.75 -11.53 18.24
N THR A 312 15.98 -11.75 19.30
CA THR A 312 14.78 -10.94 19.49
C THR A 312 14.86 -10.12 20.75
N VAL A 313 14.34 -8.91 20.68
CA VAL A 313 14.31 -7.98 21.81
C VAL A 313 12.94 -7.26 21.85
N THR A 314 12.48 -6.94 23.06
CA THR A 314 11.21 -6.26 23.18
C THR A 314 11.47 -4.77 23.17
N PHE A 315 10.59 -4.04 22.49
CA PHE A 315 10.73 -2.59 22.31
C PHE A 315 9.51 -1.76 22.75
N LEU A 316 9.78 -0.60 23.34
CA LEU A 316 8.71 0.32 23.74
C LEU A 316 9.13 1.71 23.29
N GLY A 317 8.17 2.63 23.16
CA GLY A 317 8.51 3.98 22.74
C GLY A 317 8.57 4.20 21.23
N GLN A 318 7.72 3.51 20.47
CA GLN A 318 7.68 3.68 19.03
C GLN A 318 7.41 5.17 18.79
N ALA A 319 8.19 5.79 17.92
CA ALA A 319 8.01 7.20 17.63
C ALA A 319 6.97 7.43 16.55
N LYS A 320 6.62 8.71 16.36
CA LYS A 320 5.67 9.10 15.33
C LYS A 320 4.26 8.62 15.52
N LYS A 321 3.95 8.06 16.68
CA LYS A 321 2.59 7.61 16.90
C LYS A 321 1.82 8.83 17.33
N ARG A 322 0.70 9.11 16.68
CA ARG A 322 -0.10 10.24 17.07
C ARG A 322 -0.80 9.67 18.27
N SER A 323 -0.19 9.89 19.43
CA SER A 323 -0.67 9.39 20.72
C SER A 323 -1.90 8.49 20.72
N GLU A 324 -1.65 7.23 21.07
CA GLU A 324 -2.70 6.24 21.21
C GLU A 324 -2.88 6.35 22.72
N ASP A 325 -1.83 6.92 23.32
CA ASP A 325 -1.65 7.15 24.75
C ASP A 325 -0.78 6.00 25.26
N LYS A 326 -1.18 4.80 24.84
CA LYS A 326 -0.54 3.55 25.20
C LYS A 326 0.96 3.43 24.97
N GLY A 327 1.63 2.85 25.97
CA GLY A 327 3.06 2.60 25.91
C GLY A 327 3.18 1.10 25.61
N ILE A 328 2.69 0.71 24.44
CA ILE A 328 2.72 -0.69 24.00
C ILE A 328 4.13 -1.17 23.64
N SER A 329 4.33 -2.48 23.69
CA SER A 329 5.63 -3.05 23.36
C SER A 329 5.49 -4.00 22.18
N ARG A 330 6.48 -3.98 21.30
CA ARG A 330 6.48 -4.83 20.13
C ARG A 330 7.76 -5.67 20.14
N LYS A 331 7.65 -6.94 19.79
CA LYS A 331 8.82 -7.80 19.75
C LYS A 331 9.48 -7.61 18.38
N ILE A 332 10.76 -7.24 18.39
CA ILE A 332 11.51 -6.97 17.17
C ILE A 332 12.76 -7.82 17.04
N TYR A 333 13.24 -7.93 15.81
CA TYR A 333 14.44 -8.70 15.53
C TYR A 333 15.67 -7.86 15.79
N THR A 334 16.79 -8.55 15.99
CA THR A 334 18.09 -7.92 16.23
C THR A 334 19.04 -8.73 15.37
N LEU A 335 19.92 -8.08 14.63
CA LEU A 335 20.84 -8.84 13.78
C LEU A 335 22.15 -9.38 14.38
N CYS A 336 22.24 -9.38 15.71
CA CYS A 336 23.38 -9.94 16.41
C CYS A 336 22.93 -10.07 17.85
N ASP A 337 23.71 -10.74 18.71
CA ASP A 337 23.30 -10.95 20.09
C ASP A 337 22.50 -9.78 20.68
N ALA A 338 21.22 -10.04 20.90
CA ALA A 338 20.29 -9.05 21.42
C ALA A 338 20.71 -8.50 22.75
N THR A 339 21.52 -9.27 23.46
CA THR A 339 22.02 -8.84 24.76
C THR A 339 23.09 -7.80 24.49
N LEU A 340 24.04 -8.15 23.62
CA LEU A 340 25.11 -7.25 23.25
C LEU A 340 24.49 -5.98 22.72
N PHE A 341 23.39 -6.14 22.01
CA PHE A 341 22.69 -4.99 21.48
C PHE A 341 22.21 -4.06 22.59
N VAL A 342 21.38 -4.56 23.51
CA VAL A 342 20.87 -3.70 24.58
C VAL A 342 21.96 -3.04 25.41
N SER A 343 23.15 -3.61 25.45
CA SER A 343 24.24 -3.01 26.23
C SER A 343 24.92 -1.89 25.47
N LEU A 344 25.06 -2.02 24.16
CA LEU A 344 25.67 -0.96 23.36
C LEU A 344 24.75 0.26 23.30
N VAL A 345 23.46 0.04 23.46
CA VAL A 345 22.52 1.13 23.45
C VAL A 345 22.62 1.82 24.80
N ASN A 346 22.80 1.04 25.87
CA ASN A 346 22.91 1.61 27.21
C ASN A 346 24.24 2.31 27.34
N GLU A 347 25.20 1.88 26.52
CA GLU A 347 26.52 2.49 26.53
C GLU A 347 26.43 3.83 25.86
N LEU A 348 26.22 3.81 24.55
CA LEU A 348 26.12 5.03 23.75
C LEU A 348 25.34 6.13 24.47
N ARG A 349 24.16 5.79 24.98
CA ARG A 349 23.30 6.75 25.66
C ARG A 349 23.96 7.48 26.84
N SER A 350 25.10 6.97 27.27
CA SER A 350 25.83 7.58 28.37
C SER A 350 26.99 8.47 27.91
N CYS A 351 28.05 7.84 27.40
CA CYS A 351 29.23 8.57 26.96
C CYS A 351 28.96 10.02 26.56
N PRO A 352 29.72 10.95 27.17
CA PRO A 352 29.74 12.42 27.07
C PRO A 352 28.82 13.02 26.04
N ALA A 353 29.23 12.89 24.78
CA ALA A 353 28.50 13.41 23.65
C ALA A 353 27.00 13.30 23.78
N ALA A 354 26.52 12.32 24.54
CA ALA A 354 25.09 12.12 24.71
C ALA A 354 24.46 12.59 26.03
N ALA A 355 25.23 13.28 26.87
CA ALA A 355 24.72 13.77 28.15
C ALA A 355 23.98 15.12 28.13
N ASP A 356 24.29 15.97 27.15
CA ASP A 356 23.65 17.28 27.02
C ASP A 356 22.14 17.14 26.84
N PHE A 357 21.75 16.03 26.21
CA PHE A 357 20.35 15.72 25.88
C PHE A 357 19.25 16.21 26.79
N ASP A 358 19.45 16.15 28.10
CA ASP A 358 18.42 16.61 29.03
C ASP A 358 18.24 18.12 28.97
N GLU A 359 19.24 18.83 28.44
CA GLU A 359 19.16 20.28 28.33
C GLU A 359 18.89 20.68 26.89
N VAL A 360 19.54 20.01 25.95
CA VAL A 360 19.34 20.30 24.54
C VAL A 360 17.84 20.36 24.27
N ILE A 361 17.13 19.44 24.92
CA ILE A 361 15.70 19.34 24.79
C ILE A 361 14.96 20.60 25.18
N LYS A 362 15.27 21.16 26.35
CA LYS A 362 14.62 22.37 26.84
C LYS A 362 14.55 23.53 25.86
N GLY A 363 15.33 23.45 24.78
CA GLY A 363 15.31 24.53 23.81
C GLY A 363 16.22 25.68 24.18
N TYR A 364 16.19 26.74 23.40
CA TYR A 364 17.04 27.91 23.64
C TYR A 364 16.28 29.19 24.00
N GLY A 365 14.96 29.12 24.03
CA GLY A 365 14.20 30.30 24.37
C GLY A 365 12.75 30.16 23.98
N GLU A 366 12.01 31.25 24.13
CA GLU A 366 10.60 31.27 23.81
C GLU A 366 10.40 31.28 22.32
N ASN A 367 11.48 31.47 21.57
CA ASN A 367 11.33 31.46 20.13
C ASN A 367 11.76 30.16 19.48
N ASP A 368 12.00 29.13 20.28
CA ASP A 368 12.36 27.83 19.72
C ASP A 368 11.07 27.04 19.59
N THR A 369 10.60 26.90 18.35
CA THR A 369 9.37 26.19 18.03
C THR A 369 9.52 24.67 17.83
N ARG A 370 10.76 24.20 17.81
CA ARG A 370 11.03 22.79 17.59
C ARG A 370 10.46 21.92 18.72
N SER A 371 10.41 20.62 18.45
CA SER A 371 9.91 19.65 19.42
C SER A 371 11.13 19.19 20.19
N GLU A 372 10.92 18.54 21.33
CA GLU A 372 12.08 18.05 22.07
C GLU A 372 12.79 17.09 21.12
N ASN A 373 12.05 16.15 20.55
CA ASN A 373 12.67 15.22 19.61
C ASN A 373 13.30 16.02 18.48
N GLY A 374 12.60 17.05 18.04
CA GLY A 374 13.13 17.89 16.96
C GLY A 374 14.44 18.55 17.33
N ARG A 375 14.53 19.00 18.58
CA ARG A 375 15.71 19.65 19.13
C ARG A 375 16.88 18.68 18.99
N ILE A 376 16.62 17.39 19.27
CA ILE A 376 17.64 16.35 19.16
C ILE A 376 18.08 16.24 17.69
N ASN A 377 17.12 16.06 16.80
CA ASN A 377 17.41 15.96 15.39
C ASN A 377 18.32 17.11 14.94
N ALA A 378 18.14 18.27 15.56
CA ALA A 378 18.93 19.47 15.22
C ALA A 378 20.41 19.24 15.44
N ILE A 379 20.71 18.34 16.37
CA ILE A 379 22.08 18.03 16.69
C ILE A 379 22.63 16.83 15.96
N LEU A 380 22.08 15.66 16.27
CA LEU A 380 22.54 14.41 15.70
C LEU A 380 22.52 14.25 14.17
N ALA A 381 21.40 14.59 13.55
CA ALA A 381 21.30 14.47 12.10
C ALA A 381 22.57 14.92 11.36
N THR A 382 23.04 16.14 11.62
CA THR A 382 24.25 16.61 10.94
C THR A 382 25.49 15.81 11.36
N ALA A 383 25.49 15.33 12.59
CA ALA A 383 26.64 14.58 13.05
C ALA A 383 26.68 13.19 12.44
N PHE A 384 25.52 12.58 12.22
CA PHE A 384 25.54 11.22 11.70
C PHE A 384 25.56 11.01 10.18
N ASN A 385 24.69 11.68 9.45
CA ASN A 385 24.64 11.46 8.00
C ASN A 385 25.95 11.52 7.26
N PRO A 386 26.76 12.55 7.51
CA PRO A 386 28.04 12.62 6.79
C PRO A 386 28.87 11.34 6.97
N TRP A 387 28.98 10.84 8.20
CA TRP A 387 29.73 9.61 8.44
C TRP A 387 29.16 8.52 7.55
N VAL A 388 27.86 8.29 7.68
CA VAL A 388 27.20 7.26 6.91
C VAL A 388 27.57 7.17 5.42
N LYS A 389 27.60 8.32 4.74
CA LYS A 389 27.91 8.35 3.31
C LYS A 389 29.29 7.79 3.06
N THR A 390 30.26 8.25 3.84
CA THR A 390 31.62 7.75 3.67
C THR A 390 31.56 6.25 3.93
N PHE A 391 30.96 5.89 5.06
CA PHE A 391 30.85 4.51 5.47
C PHE A 391 30.32 3.59 4.40
N LEU A 392 29.31 4.03 3.66
CA LEU A 392 28.72 3.18 2.63
C LEU A 392 29.32 3.31 1.25
N GLY A 393 30.08 4.38 1.00
CA GLY A 393 30.67 4.52 -0.31
C GLY A 393 30.07 5.71 -1.01
N ASP A 394 28.97 5.52 -1.71
CA ASP A 394 28.34 6.64 -2.40
C ASP A 394 27.65 7.57 -1.44
N ASP A 395 27.26 8.73 -1.94
CA ASP A 395 26.57 9.71 -1.13
C ASP A 395 25.05 9.49 -1.12
N ARG A 396 24.47 9.65 -2.30
CA ARG A 396 23.04 9.48 -2.52
C ARG A 396 22.18 9.10 -1.33
N ARG A 397 22.53 8.01 -0.63
CA ARG A 397 21.69 7.61 0.51
C ARG A 397 22.18 7.98 1.92
N VAL A 398 21.22 8.00 2.84
CA VAL A 398 21.45 8.42 4.20
C VAL A 398 21.35 7.45 5.35
N TYR A 399 21.30 8.02 6.54
CA TYR A 399 21.21 7.28 7.78
C TYR A 399 20.00 6.37 7.83
N LYS A 400 18.82 6.98 7.76
CA LYS A 400 17.57 6.24 7.82
C LYS A 400 17.47 5.08 6.84
N ASP A 401 18.57 4.76 6.18
CA ASP A 401 18.62 3.65 5.24
C ASP A 401 18.79 2.36 6.02
N SER A 402 19.23 2.51 7.26
CA SER A 402 19.40 1.37 8.12
C SER A 402 18.04 0.65 8.18
N ARG A 403 16.96 1.42 8.21
CA ARG A 403 15.63 0.81 8.26
C ARG A 403 15.38 -0.02 7.00
N ALA A 404 15.37 0.66 5.86
CA ALA A 404 15.17 0.02 4.58
C ALA A 404 16.01 -1.24 4.51
N ILE A 405 17.31 -1.09 4.75
CA ILE A 405 18.22 -2.25 4.75
C ILE A 405 17.67 -3.31 5.72
N TYR A 406 17.73 -3.03 7.02
CA TYR A 406 17.25 -3.94 8.06
C TYR A 406 16.01 -4.71 7.65
N ALA A 407 14.93 -4.00 7.33
CA ALA A 407 13.68 -4.62 6.92
C ALA A 407 13.85 -5.65 5.80
N ARG A 408 14.78 -5.41 4.86
CA ARG A 408 15.04 -6.36 3.77
C ARG A 408 15.65 -7.62 4.40
N ILE A 409 16.71 -7.42 5.18
CA ILE A 409 17.38 -8.53 5.85
C ILE A 409 16.33 -9.29 6.63
N ALA A 410 15.82 -8.70 7.70
CA ALA A 410 14.80 -9.34 8.52
C ALA A 410 13.85 -10.21 7.68
N TYR A 411 13.43 -9.67 6.53
CA TYR A 411 12.54 -10.38 5.61
C TYR A 411 13.29 -11.61 5.08
N GLU A 412 14.25 -11.37 4.19
CA GLU A 412 15.07 -12.43 3.61
C GLU A 412 15.58 -13.40 4.66
N MET A 413 15.62 -12.94 5.90
CA MET A 413 16.14 -13.74 7.00
C MET A 413 15.14 -14.54 7.81
N PHE A 414 13.96 -13.98 8.06
CA PHE A 414 13.00 -14.70 8.90
C PHE A 414 11.58 -14.95 8.42
N PHE A 415 11.20 -14.43 7.25
CA PHE A 415 9.82 -14.60 6.80
C PHE A 415 9.43 -16.05 6.65
N ARG A 416 10.17 -16.80 5.82
CA ARG A 416 9.85 -18.22 5.63
C ARG A 416 10.31 -19.13 6.78
N VAL A 417 10.97 -18.57 7.80
CA VAL A 417 11.48 -19.39 8.90
C VAL A 417 10.80 -19.27 10.26
N ASP A 418 10.69 -18.06 10.78
CA ASP A 418 10.06 -17.92 12.08
C ASP A 418 8.60 -18.30 11.95
N PRO A 419 8.18 -19.34 12.68
CA PRO A 419 6.80 -19.82 12.66
C PRO A 419 5.81 -18.76 13.14
N ARG A 420 6.30 -17.53 13.29
CA ARG A 420 5.45 -16.44 13.73
C ARG A 420 4.55 -15.93 12.60
N TRP A 421 5.07 -15.98 11.38
CA TRP A 421 4.36 -15.50 10.19
C TRP A 421 3.76 -16.59 9.31
N LYS A 422 3.48 -17.73 9.92
CA LYS A 422 2.91 -18.85 9.20
C LYS A 422 1.74 -18.41 8.35
N ASN A 423 0.72 -17.81 8.97
CA ASN A 423 -0.51 -17.40 8.27
C ASN A 423 -0.74 -15.92 7.97
N VAL A 424 0.31 -15.20 7.57
CA VAL A 424 0.24 -13.77 7.30
C VAL A 424 1.11 -13.43 6.07
N ASP A 425 0.77 -12.41 5.28
CA ASP A 425 1.60 -12.08 4.10
C ASP A 425 2.79 -11.12 4.36
N GLU A 426 3.71 -10.98 3.39
CA GLU A 426 4.89 -10.12 3.60
C GLU A 426 4.58 -8.72 4.11
N ASP A 427 3.53 -8.11 3.59
CA ASP A 427 3.15 -6.77 4.01
C ASP A 427 2.93 -6.74 5.53
N VAL A 428 2.17 -7.70 6.06
CA VAL A 428 1.93 -7.74 7.50
C VAL A 428 3.29 -7.69 8.18
N PHE A 429 4.20 -8.53 7.67
CA PHE A 429 5.57 -8.62 8.19
C PHE A 429 6.25 -7.28 8.24
N PHE A 430 6.43 -6.61 7.10
CA PHE A 430 7.07 -5.30 7.10
C PHE A 430 6.37 -4.36 8.09
N MET A 431 5.04 -4.41 8.09
CA MET A 431 4.28 -3.55 8.99
C MET A 431 4.67 -3.76 10.44
N GLU A 432 4.35 -4.93 10.96
CA GLU A 432 4.64 -5.26 12.34
C GLU A 432 6.10 -5.02 12.73
N ILE A 433 7.02 -5.39 11.86
CA ILE A 433 8.42 -5.20 12.16
C ILE A 433 8.78 -3.73 12.20
N LEU A 434 7.97 -2.91 11.53
CA LEU A 434 8.22 -1.48 11.51
C LEU A 434 7.40 -0.69 12.54
N GLY A 435 6.30 -1.28 13.02
CA GLY A 435 5.48 -0.59 14.00
C GLY A 435 4.38 0.27 13.39
N HIS A 436 4.17 0.12 12.10
CA HIS A 436 3.16 0.86 11.38
C HIS A 436 1.75 0.48 11.81
N ASP A 437 0.84 1.43 11.71
CA ASP A 437 -0.56 1.20 12.05
C ASP A 437 -1.41 0.74 10.87
N ASP A 438 -0.76 0.43 9.74
CA ASP A 438 -1.44 -0.05 8.54
C ASP A 438 -0.40 -0.54 7.54
N GLU A 439 -0.70 -1.62 6.85
CA GLU A 439 0.24 -2.19 5.89
C GLU A 439 0.54 -1.28 4.72
N ASN A 440 0.00 -0.07 4.74
CA ASN A 440 0.21 0.89 3.65
C ASN A 440 1.54 1.63 3.62
N THR A 441 1.95 2.14 4.77
CA THR A 441 3.16 2.92 4.84
C THR A 441 4.45 2.18 4.59
N GLN A 442 4.41 0.85 4.62
CA GLN A 442 5.64 0.12 4.37
C GLN A 442 6.03 0.11 2.90
N LEU A 443 5.39 0.97 2.10
CA LEU A 443 5.72 1.04 0.68
C LEU A 443 6.95 1.92 0.45
N HIS A 444 7.38 2.60 1.51
CA HIS A 444 8.55 3.48 1.48
C HIS A 444 9.81 2.72 1.80
N TYR A 445 9.63 1.58 2.47
CA TYR A 445 10.77 0.80 2.88
C TYR A 445 11.16 -0.40 2.02
N LYS A 446 11.31 -0.20 0.71
CA LYS A 446 11.66 -1.32 -0.15
C LYS A 446 12.61 -0.98 -1.27
N GLN A 447 13.39 0.07 -1.04
CA GLN A 447 14.34 0.56 -2.03
C GLN A 447 15.61 -0.26 -2.16
N PHE A 448 15.86 -1.21 -1.27
CA PHE A 448 17.08 -1.99 -1.37
C PHE A 448 16.91 -3.45 -1.78
N LYS A 449 17.92 -3.97 -2.48
CA LYS A 449 17.93 -5.37 -2.90
C LYS A 449 19.27 -5.93 -2.44
N LEU A 450 19.24 -7.16 -1.93
CA LEU A 450 20.46 -7.78 -1.40
C LEU A 450 21.12 -8.65 -2.43
N ALA A 451 22.44 -8.49 -2.58
CA ALA A 451 23.23 -9.30 -3.50
C ALA A 451 24.13 -10.14 -2.63
N ASN A 452 24.07 -11.46 -2.81
CA ASN A 452 24.88 -12.39 -2.03
C ASN A 452 24.41 -12.55 -0.61
N PHE A 453 23.14 -12.90 -0.42
CA PHE A 453 22.60 -13.10 0.91
C PHE A 453 22.61 -14.57 1.30
N SER A 454 22.94 -14.86 2.54
CA SER A 454 22.96 -16.23 3.03
C SER A 454 22.50 -16.23 4.46
N ARG A 455 21.58 -17.12 4.81
CA ARG A 455 21.10 -17.17 6.18
C ARG A 455 22.25 -17.64 7.08
N THR A 456 23.31 -18.08 6.44
CA THR A 456 24.50 -18.64 7.11
C THR A 456 25.77 -17.77 7.20
N TRP A 457 25.67 -16.48 6.91
CA TRP A 457 26.86 -15.63 6.98
C TRP A 457 27.52 -15.60 8.37
N ARG A 458 28.84 -15.44 8.38
CA ARG A 458 29.63 -15.38 9.60
C ARG A 458 30.77 -14.37 9.42
N PRO A 459 31.13 -13.62 10.47
CA PRO A 459 32.20 -12.62 10.43
C PRO A 459 33.57 -13.23 10.18
N ASN A 460 34.62 -12.47 10.50
CA ASN A 460 35.99 -12.95 10.31
C ASN A 460 36.87 -12.78 11.55
N VAL A 461 37.94 -13.56 11.61
CA VAL A 461 38.88 -13.49 12.72
C VAL A 461 39.85 -12.35 12.40
N GLY A 462 40.51 -12.45 11.26
CA GLY A 462 41.43 -11.39 10.86
C GLY A 462 42.76 -11.71 10.20
N GLU A 463 43.26 -10.70 9.48
CA GLU A 463 44.54 -10.71 8.77
C GLU A 463 44.98 -9.26 8.85
N GLU A 464 46.05 -8.89 8.17
CA GLU A 464 46.53 -7.51 8.24
C GLU A 464 47.40 -7.09 7.06
N ASN A 465 46.75 -6.68 5.98
CA ASN A 465 47.49 -6.25 4.80
C ASN A 465 48.49 -5.18 5.20
N ALA A 466 48.01 -4.14 5.87
CA ALA A 466 48.84 -3.02 6.31
C ALA A 466 50.19 -3.38 6.94
N ARG A 467 50.22 -3.76 8.23
CA ARG A 467 51.50 -4.07 8.87
C ARG A 467 52.39 -4.99 8.04
N LEU A 468 51.81 -6.04 7.47
CA LEU A 468 52.57 -6.97 6.66
C LEU A 468 53.41 -6.24 5.59
N ALA A 469 52.76 -5.38 4.82
CA ALA A 469 53.43 -4.63 3.78
C ALA A 469 54.54 -3.75 4.34
N ALA A 470 54.20 -2.98 5.36
CA ALA A 470 55.17 -2.10 6.01
C ALA A 470 56.32 -2.95 6.53
N LEU A 471 56.01 -4.21 6.87
CA LEU A 471 57.01 -5.15 7.37
C LEU A 471 58.01 -5.50 6.28
N GLN A 472 57.51 -5.85 5.09
CA GLN A 472 58.37 -6.21 3.96
C GLN A 472 59.49 -5.20 3.72
N LYS A 473 59.27 -3.96 4.14
CA LYS A 473 60.26 -2.91 3.97
C LYS A 473 60.83 -2.58 5.35
N LEU A 474 60.82 -3.57 6.23
CA LEU A 474 61.30 -3.40 7.61
C LEU A 474 62.78 -3.03 7.63
N ASP A 475 63.60 -3.86 8.25
CA ASP A 475 65.03 -3.60 8.34
C ASP A 475 65.54 -3.31 6.94
N SER A 476 65.16 -4.16 5.99
CA SER A 476 65.55 -4.01 4.60
C SER A 476 66.22 -2.67 4.35
N MET A 477 65.44 -1.59 4.41
CA MET A 477 65.99 -0.27 4.17
C MET A 477 65.72 0.74 5.29
N MET A 478 65.84 0.31 6.54
CA MET A 478 65.59 1.24 7.65
C MET A 478 66.79 1.76 8.42
N PRO A 479 67.89 0.98 8.48
CA PRO A 479 69.03 1.51 9.23
C PRO A 479 69.71 2.61 8.43
N ASP A 480 69.65 2.48 7.11
CA ASP A 480 70.28 3.45 6.21
C ASP A 480 69.30 4.46 5.60
N PHE A 481 68.07 4.51 6.11
CA PHE A 481 67.10 5.46 5.59
C PHE A 481 67.38 6.84 6.15
N ALA A 482 68.20 6.90 7.20
CA ALA A 482 68.51 8.17 7.81
C ALA A 482 69.76 8.09 8.65
N ARG A 483 70.10 9.21 9.27
CA ARG A 483 71.27 9.31 10.14
C ARG A 483 71.04 8.50 11.41
N GLY A 484 71.60 7.30 11.44
CA GLY A 484 71.46 6.44 12.59
C GLY A 484 70.06 5.92 12.84
N ASP A 485 69.75 5.74 14.12
CA ASP A 485 68.47 5.22 14.60
C ASP A 485 67.24 5.58 13.75
N ALA A 486 66.79 6.83 13.87
CA ALA A 486 65.62 7.34 13.14
C ALA A 486 64.94 6.33 12.22
N GLY A 487 65.60 6.00 11.12
CA GLY A 487 65.05 5.05 10.17
C GLY A 487 64.20 3.93 10.75
N VAL A 488 64.69 3.27 11.80
CA VAL A 488 63.92 2.18 12.38
C VAL A 488 62.96 2.66 13.46
N ARG A 489 63.32 3.70 14.20
CA ARG A 489 62.45 4.21 15.26
C ARG A 489 61.12 4.76 14.72
N ILE A 490 61.14 5.34 13.52
CA ILE A 490 59.93 5.88 12.89
C ILE A 490 59.14 4.70 12.40
N HIS A 491 59.82 3.85 11.63
CA HIS A 491 59.18 2.67 11.06
C HIS A 491 58.58 1.82 12.18
N GLU A 492 59.35 1.63 13.25
CA GLU A 492 58.86 0.82 14.37
C GLU A 492 57.60 1.47 14.90
N THR A 493 57.66 2.77 15.11
CA THR A 493 56.52 3.51 15.61
C THR A 493 55.32 3.32 14.69
N VAL A 494 55.49 3.68 13.43
CA VAL A 494 54.43 3.57 12.44
C VAL A 494 53.82 2.16 12.44
N LYS A 495 54.67 1.15 12.55
CA LYS A 495 54.20 -0.23 12.60
C LYS A 495 53.33 -0.35 13.83
N GLN A 496 53.94 -0.14 15.00
CA GLN A 496 53.23 -0.22 16.28
C GLN A 496 51.89 0.48 16.17
N LEU A 497 51.94 1.68 15.60
CA LEU A 497 50.74 2.49 15.42
C LEU A 497 49.69 1.85 14.50
N VAL A 498 50.11 1.11 13.49
CA VAL A 498 49.16 0.48 12.58
C VAL A 498 48.60 -0.81 13.16
N GLU A 499 49.47 -1.65 13.71
CA GLU A 499 49.04 -2.91 14.31
C GLU A 499 47.83 -2.62 15.19
N GLN A 500 47.84 -1.46 15.83
CA GLN A 500 46.76 -1.01 16.68
C GLN A 500 45.48 -0.86 15.88
N ASP A 501 45.50 0.13 15.00
CA ASP A 501 44.39 0.48 14.12
C ASP A 501 44.77 0.14 12.66
N PRO A 502 44.52 -1.09 12.21
CA PRO A 502 44.85 -1.49 10.83
C PRO A 502 44.22 -0.61 9.76
N SER A 503 43.47 0.39 10.21
CA SER A 503 42.77 1.30 9.31
C SER A 503 43.06 2.79 9.55
N ILE A 504 44.05 3.08 10.39
CA ILE A 504 44.41 4.46 10.74
C ILE A 504 45.16 5.23 9.66
N LYS A 505 44.90 6.54 9.61
CA LYS A 505 45.54 7.43 8.66
C LYS A 505 46.74 8.14 9.29
N ILE A 506 47.95 7.75 8.85
CA ILE A 506 49.19 8.34 9.34
C ILE A 506 49.49 9.61 8.56
N THR A 507 49.47 10.75 9.25
CA THR A 507 49.77 12.02 8.62
C THR A 507 50.93 12.66 9.35
N ASN A 508 51.27 13.86 8.93
CA ASN A 508 52.37 14.60 9.54
C ASN A 508 52.00 14.85 11.02
N SER A 509 50.73 15.08 11.29
CA SER A 509 50.32 15.36 12.65
C SER A 509 50.31 14.14 13.55
N THR A 510 50.19 12.95 12.95
CA THR A 510 50.16 11.72 13.72
C THR A 510 51.49 11.37 14.35
N LEU A 511 52.58 11.80 13.70
CA LEU A 511 53.90 11.46 14.18
C LEU A 511 54.68 12.53 14.93
N ARG A 512 54.29 13.80 14.76
CA ARG A 512 54.99 14.88 15.44
C ARG A 512 54.93 14.81 16.96
N PRO A 513 53.78 14.43 17.51
CA PRO A 513 53.65 14.34 18.97
C PRO A 513 54.65 13.35 19.55
N PHE A 514 55.27 12.56 18.67
CA PHE A 514 56.24 11.59 19.10
C PHE A 514 57.66 12.18 19.09
N ASN A 515 57.81 13.33 18.45
CA ASN A 515 59.09 14.05 18.36
C ASN A 515 60.14 13.45 17.42
N PHE A 516 59.90 13.62 16.12
CA PHE A 516 60.80 13.15 15.06
C PHE A 516 61.11 14.39 14.21
N SER A 517 62.33 14.52 13.67
CA SER A 517 62.67 15.70 12.88
C SER A 517 61.55 16.04 11.92
N THR A 518 60.96 17.22 12.09
CA THR A 518 59.87 17.65 11.22
C THR A 518 60.18 17.46 9.74
N ARG A 519 61.38 17.84 9.30
CA ARG A 519 61.76 17.67 7.88
C ARG A 519 62.10 16.18 7.61
N LEU A 520 61.68 15.28 8.51
CA LEU A 520 61.96 13.85 8.38
C LEU A 520 60.72 12.96 8.23
N ILE A 521 59.65 13.30 8.95
CA ILE A 521 58.40 12.56 8.89
C ILE A 521 57.88 12.43 7.45
N PRO A 522 57.61 13.58 6.80
CA PRO A 522 57.10 13.56 5.42
C PRO A 522 58.03 12.79 4.47
N ARG A 523 59.32 12.81 4.77
CA ARG A 523 60.32 12.12 3.97
C ARG A 523 60.03 10.64 4.08
N TYR A 524 59.55 10.24 5.25
CA TYR A 524 59.21 8.84 5.51
C TYR A 524 57.91 8.44 4.83
N LEU A 525 56.86 9.25 5.02
CA LEU A 525 55.56 9.00 4.44
C LEU A 525 55.61 8.87 2.91
N GLU A 526 56.42 9.70 2.27
CA GLU A 526 56.58 9.66 0.82
C GLU A 526 57.12 8.28 0.48
N PHE A 527 57.94 7.74 1.37
CA PHE A 527 58.52 6.43 1.16
C PHE A 527 57.51 5.32 1.44
N ALA A 528 57.10 5.18 2.69
CA ALA A 528 56.16 4.14 3.10
C ALA A 528 54.82 4.27 2.40
N ALA A 529 54.72 5.28 1.53
CA ALA A 529 53.53 5.58 0.76
C ALA A 529 52.71 4.39 0.25
N ASP A 530 53.36 3.41 -0.36
CA ASP A 530 52.61 2.28 -0.89
C ASP A 530 52.29 1.19 0.11
N ALA A 531 53.14 1.01 1.11
CA ALA A 531 52.88 -0.02 2.12
C ALA A 531 51.75 0.42 3.02
N LEU A 532 51.66 1.73 3.26
CA LEU A 532 50.62 2.28 4.11
C LEU A 532 49.34 2.55 3.31
N GLY A 533 49.45 2.40 1.99
CA GLY A 533 48.30 2.62 1.13
C GLY A 533 47.76 4.04 1.22
N GLN A 534 48.64 5.01 1.07
CA GLN A 534 48.19 6.39 1.12
C GLN A 534 48.74 7.13 -0.09
N PHE A 535 47.99 8.14 -0.53
CA PHE A 535 48.37 8.95 -1.68
C PHE A 535 48.04 10.40 -1.34
N VAL A 536 48.66 11.33 -2.02
CA VAL A 536 48.39 12.73 -1.76
C VAL A 536 47.39 13.24 -2.79
N GLY A 537 46.32 13.85 -2.31
CA GLY A 537 45.31 14.37 -3.21
C GLY A 537 45.62 15.84 -3.41
N GLU A 538 44.58 16.61 -3.74
CA GLU A 538 44.76 18.03 -3.95
C GLU A 538 44.81 18.76 -2.60
N ASN A 539 45.67 18.28 -1.69
CA ASN A 539 45.82 18.90 -0.37
C ASN A 539 46.79 18.10 0.53
N GLY A 540 46.25 17.35 1.50
CA GLY A 540 47.08 16.55 2.39
C GLY A 540 47.15 15.11 1.93
N GLN A 541 47.55 14.20 2.81
CA GLN A 541 47.63 12.80 2.45
C GLN A 541 46.35 12.07 2.78
N TRP A 542 45.90 11.19 1.88
CA TRP A 542 44.67 10.43 2.07
C TRP A 542 44.92 8.93 1.96
N GLN A 543 43.83 8.17 2.07
CA GLN A 543 43.87 6.71 1.97
C GLN A 543 43.05 6.20 0.80
N LEU A 544 43.73 5.56 -0.14
CA LEU A 544 43.09 5.00 -1.31
C LEU A 544 41.89 4.17 -0.82
N LYS A 545 40.83 4.08 -1.65
CA LYS A 545 39.64 3.32 -1.30
C LYS A 545 40.04 1.86 -1.01
N ASP A 546 39.41 1.23 -0.02
CA ASP A 546 39.73 -0.16 0.35
C ASP A 546 39.12 -1.22 -0.58
N GLU A 547 37.88 -1.63 -0.26
CA GLU A 547 37.17 -2.64 -1.03
C GLU A 547 36.08 -2.05 -1.93
N ALA A 548 35.10 -2.88 -2.24
CA ALA A 548 33.97 -2.46 -3.07
C ALA A 548 32.80 -2.07 -2.16
N PRO A 549 32.66 -0.75 -1.90
CA PRO A 549 31.60 -0.21 -1.03
C PRO A 549 30.26 -0.93 -1.15
N ALA A 550 29.81 -1.48 -0.03
CA ALA A 550 28.56 -2.22 0.06
C ALA A 550 27.56 -1.92 -1.06
N ILE A 551 27.60 -0.71 -1.61
CA ILE A 551 26.70 -0.34 -2.70
C ILE A 551 27.24 -0.72 -4.05
N VAL A 552 26.80 -1.86 -4.55
CA VAL A 552 27.19 -2.39 -5.83
C VAL A 552 26.79 -1.43 -6.94
N LEU A 553 27.75 -1.01 -7.75
CA LEU A 553 27.48 -0.09 -8.87
C LEU A 553 26.46 -0.65 -9.88
N PRO A 554 25.89 0.22 -10.75
CA PRO A 554 24.90 -0.17 -11.76
C PRO A 554 25.44 -0.92 -12.98
N ASP A 555 24.60 -1.48 -13.71
N VAL B 24 -41.79 -7.45 -7.47
CA VAL B 24 -41.38 -8.72 -8.13
C VAL B 24 -41.45 -9.89 -7.12
N LYS B 25 -40.99 -11.08 -7.54
CA LYS B 25 -41.02 -12.32 -6.72
C LYS B 25 -40.38 -12.29 -5.32
N ILE B 26 -39.05 -12.31 -5.28
CA ILE B 26 -38.33 -12.29 -3.99
C ILE B 26 -37.43 -11.05 -3.91
N GLY B 27 -37.81 -10.01 -4.65
CA GLY B 27 -37.06 -8.77 -4.66
C GLY B 27 -37.38 -7.85 -3.51
N GLU B 28 -36.39 -7.08 -3.09
CA GLU B 28 -36.54 -6.12 -1.98
C GLU B 28 -36.96 -4.72 -2.42
N LEU B 29 -36.32 -4.22 -3.47
CA LEU B 29 -36.62 -2.90 -4.00
C LEU B 29 -36.77 -3.04 -5.50
N ILE B 30 -37.78 -2.38 -6.07
CA ILE B 30 -37.99 -2.47 -7.51
C ILE B 30 -36.99 -1.57 -8.23
N ASN B 31 -35.78 -1.51 -7.67
CA ASN B 31 -34.69 -0.71 -8.19
C ASN B 31 -34.89 0.05 -9.50
N SER B 32 -34.78 -0.67 -10.60
CA SER B 32 -34.93 -0.11 -11.95
C SER B 32 -35.98 1.01 -12.05
N LEU B 33 -37.24 0.68 -11.77
CA LEU B 33 -38.31 1.66 -11.81
C LEU B 33 -37.76 2.85 -11.06
N VAL B 34 -37.55 2.66 -9.75
CA VAL B 34 -37.04 3.71 -8.89
C VAL B 34 -36.01 4.59 -9.57
N SER B 35 -34.87 4.00 -9.92
CA SER B 35 -33.77 4.73 -10.56
C SER B 35 -34.26 5.66 -11.67
N GLU B 36 -35.17 5.18 -12.51
CA GLU B 36 -35.71 6.01 -13.60
C GLU B 36 -36.81 6.94 -13.10
N VAL B 37 -37.53 6.50 -12.09
CA VAL B 37 -38.59 7.30 -11.49
C VAL B 37 -37.99 8.66 -11.17
N GLU B 38 -36.66 8.73 -11.13
CA GLU B 38 -36.01 9.99 -10.82
C GLU B 38 -35.24 10.59 -11.97
N ALA B 39 -34.49 9.79 -12.72
CA ALA B 39 -33.74 10.35 -13.85
C ALA B 39 -34.76 11.04 -14.77
N ILE B 40 -35.98 10.52 -14.75
CA ILE B 40 -37.10 11.05 -15.53
C ILE B 40 -37.67 12.31 -14.87
N ASP B 41 -37.72 12.27 -13.54
CA ASP B 41 -38.23 13.39 -12.75
C ASP B 41 -37.24 14.56 -12.73
N ALA B 42 -35.98 14.27 -12.43
CA ALA B 42 -34.96 15.31 -12.38
C ALA B 42 -34.51 15.77 -13.76
N SER B 43 -35.15 15.28 -14.82
CA SER B 43 -34.80 15.70 -16.17
C SER B 43 -35.83 16.75 -16.61
N ASP B 44 -36.95 16.77 -15.89
CA ASP B 44 -38.00 17.72 -16.14
C ASP B 44 -37.72 18.88 -15.19
N ARG B 45 -37.39 18.54 -13.94
CA ARG B 45 -37.07 19.54 -12.93
C ARG B 45 -36.04 20.56 -13.44
N PRO B 46 -35.17 20.15 -14.37
CA PRO B 46 -34.16 21.07 -14.93
C PRO B 46 -34.68 21.62 -16.25
N GLN B 47 -35.74 20.99 -16.74
CA GLN B 47 -36.38 21.40 -17.98
C GLN B 47 -37.31 22.58 -17.68
N GLY B 48 -38.01 22.50 -16.55
CA GLY B 48 -38.95 23.52 -16.12
C GLY B 48 -38.59 24.96 -16.42
N ASP B 49 -39.60 25.82 -16.44
CA ASP B 49 -39.40 27.25 -16.72
C ASP B 49 -38.97 27.93 -15.42
N LYS B 50 -39.41 27.40 -14.28
CA LYS B 50 -39.04 27.96 -12.98
C LYS B 50 -37.52 28.02 -13.03
N THR B 51 -36.89 28.73 -12.10
CA THR B 51 -35.43 28.81 -12.20
C THR B 51 -34.57 28.41 -11.00
N LYS B 52 -33.29 28.20 -11.34
CA LYS B 52 -32.24 27.77 -10.44
C LYS B 52 -32.51 27.69 -8.95
N LYS B 53 -32.79 28.81 -8.31
CA LYS B 53 -33.05 28.80 -6.88
C LYS B 53 -33.96 27.65 -6.43
N ILE B 54 -35.15 27.57 -7.02
CA ILE B 54 -36.11 26.53 -6.65
C ILE B 54 -35.74 25.16 -7.22
N LYS B 55 -35.34 25.11 -8.48
CA LYS B 55 -34.95 23.85 -9.12
C LYS B 55 -34.07 23.01 -8.17
N ALA B 56 -33.01 23.64 -7.67
CA ALA B 56 -32.11 22.97 -6.75
C ALA B 56 -32.94 22.46 -5.58
N ALA B 57 -33.85 23.30 -5.09
CA ALA B 57 -34.71 22.94 -3.97
C ALA B 57 -35.49 21.66 -4.24
N ALA B 58 -35.94 21.49 -5.49
CA ALA B 58 -36.71 20.31 -5.87
C ALA B 58 -35.84 19.08 -6.14
N LEU B 59 -34.63 19.29 -6.66
CA LEU B 59 -33.73 18.16 -6.93
C LEU B 59 -33.48 17.42 -5.63
N LYS B 60 -32.96 18.11 -4.61
CA LYS B 60 -32.72 17.44 -3.34
C LYS B 60 -33.96 16.61 -3.09
N TYR B 61 -35.12 17.26 -3.16
CA TYR B 61 -36.39 16.58 -2.93
C TYR B 61 -36.37 15.21 -3.61
N LYS B 62 -36.21 15.22 -4.93
CA LYS B 62 -36.18 14.00 -5.72
C LYS B 62 -35.32 12.93 -5.07
N ASN B 63 -34.08 13.30 -4.75
CA ASN B 63 -33.13 12.37 -4.15
C ASN B 63 -33.62 11.70 -2.87
N ALA B 64 -34.01 12.50 -1.88
CA ALA B 64 -34.51 11.91 -0.63
C ALA B 64 -35.62 10.92 -1.04
N LEU B 65 -36.25 11.16 -2.18
CA LEU B 65 -37.29 10.25 -2.65
C LEU B 65 -36.60 8.94 -3.01
N PHE B 66 -35.48 9.03 -3.72
CA PHE B 66 -34.69 7.85 -4.13
C PHE B 66 -34.04 7.22 -2.91
N ASN B 67 -33.23 8.03 -2.25
CA ASN B 67 -32.48 7.67 -1.03
C ASN B 67 -33.29 6.88 0.02
N ASP B 68 -34.42 7.43 0.44
CA ASP B 68 -35.26 6.79 1.46
C ASP B 68 -35.81 5.45 0.98
N LYS B 69 -36.39 5.47 -0.22
CA LYS B 69 -36.96 4.27 -0.78
C LYS B 69 -36.04 3.07 -0.60
N ARG B 70 -34.73 3.28 -0.66
CA ARG B 70 -33.79 2.17 -0.55
C ARG B 70 -33.28 1.79 0.82
N LYS B 71 -32.95 2.78 1.66
CA LYS B 71 -32.40 2.45 2.98
C LYS B 71 -32.60 3.46 4.13
N PHE B 72 -33.35 4.53 3.89
CA PHE B 72 -33.50 5.56 4.94
C PHE B 72 -34.79 5.63 5.77
N ARG B 73 -35.93 5.89 5.14
CA ARG B 73 -37.20 6.02 5.89
C ARG B 73 -38.27 4.99 5.50
N GLY B 74 -39.22 4.78 6.40
CA GLY B 74 -40.29 3.81 6.13
C GLY B 74 -39.76 2.41 5.80
N LYS B 75 -38.67 2.02 6.42
CA LYS B 75 -38.07 0.71 6.20
C LYS B 75 -37.85 0.00 7.55
N GLY B 76 -38.39 -1.22 7.66
CA GLY B 76 -38.26 -1.99 8.89
C GLY B 76 -36.83 -2.23 9.30
N LEU B 77 -36.41 -3.49 9.30
CA LEU B 77 -35.04 -3.81 9.67
C LEU B 77 -34.46 -4.98 8.85
N GLU B 78 -34.93 -6.19 9.09
CA GLU B 78 -34.43 -7.34 8.36
C GLU B 78 -34.99 -7.42 6.94
N LYS B 79 -35.61 -6.35 6.48
CA LYS B 79 -36.20 -6.34 5.14
C LYS B 79 -35.63 -5.26 4.23
N ARG B 80 -34.69 -4.46 4.74
CA ARG B 80 -34.06 -3.41 3.95
C ARG B 80 -32.77 -3.99 3.36
N ILE B 81 -32.21 -3.31 2.35
CA ILE B 81 -30.99 -3.78 1.71
C ILE B 81 -29.74 -3.43 2.53
N SER B 82 -28.58 -3.95 2.13
CA SER B 82 -27.32 -3.70 2.86
C SER B 82 -26.49 -2.50 2.40
N ALA B 83 -25.62 -2.03 3.29
CA ALA B 83 -24.78 -0.88 2.98
C ALA B 83 -24.03 -1.13 1.68
N ASN B 84 -23.70 -2.39 1.43
CA ASN B 84 -23.00 -2.74 0.21
C ASN B 84 -23.99 -2.60 -0.93
N THR B 85 -25.17 -3.19 -0.78
CA THR B 85 -26.17 -3.07 -1.82
C THR B 85 -26.60 -1.60 -1.96
N PHE B 86 -26.43 -0.82 -0.91
CA PHE B 86 -26.84 0.58 -0.99
C PHE B 86 -25.87 1.42 -1.80
N ASN B 87 -24.57 1.22 -1.56
CA ASN B 87 -23.57 2.02 -2.27
C ASN B 87 -23.44 1.55 -3.71
N SER B 88 -23.73 0.27 -3.95
CA SER B 88 -23.64 -0.25 -5.28
C SER B 88 -24.74 0.43 -6.08
N TYR B 89 -25.97 0.45 -5.54
CA TYR B 89 -27.08 1.08 -6.21
C TYR B 89 -26.92 2.59 -6.36
N MET B 90 -26.30 3.24 -5.38
CA MET B 90 -26.06 4.66 -5.52
C MET B 90 -25.21 4.86 -6.79
N SER B 91 -24.04 4.21 -6.83
CA SER B 91 -23.16 4.29 -8.00
C SER B 91 -24.01 4.24 -9.24
N ARG B 92 -24.93 3.28 -9.25
CA ARG B 92 -25.80 3.13 -10.40
C ARG B 92 -26.53 4.44 -10.71
N ALA B 93 -27.36 4.93 -9.79
CA ALA B 93 -28.09 6.17 -10.01
C ALA B 93 -27.16 7.29 -10.44
N ARG B 94 -26.09 7.50 -9.68
CA ARG B 94 -25.17 8.55 -10.03
C ARG B 94 -24.78 8.40 -11.50
N LYS B 95 -24.18 7.26 -11.83
CA LYS B 95 -23.72 6.98 -13.20
C LYS B 95 -24.74 7.32 -14.27
N ARG B 96 -26.00 7.38 -13.90
CA ARG B 96 -27.04 7.66 -14.86
C ARG B 96 -26.98 9.09 -15.40
N PHE B 97 -26.18 9.94 -14.74
CA PHE B 97 -26.03 11.33 -15.17
C PHE B 97 -24.65 11.67 -15.79
N ASP B 98 -23.74 10.70 -15.76
CA ASP B 98 -22.40 10.87 -16.31
C ASP B 98 -22.29 11.97 -17.35
N ASP B 99 -23.03 11.81 -18.44
CA ASP B 99 -23.02 12.75 -19.55
C ASP B 99 -23.73 14.06 -19.30
N ARG B 100 -23.76 14.53 -18.06
CA ARG B 100 -24.42 15.79 -17.75
C ARG B 100 -23.63 16.62 -16.74
N LEU B 101 -23.29 17.85 -17.10
CA LEU B 101 -22.54 18.73 -16.20
C LEU B 101 -23.39 19.76 -15.47
N HIS B 102 -22.83 20.29 -14.38
CA HIS B 102 -23.45 21.29 -13.52
C HIS B 102 -24.05 22.44 -14.35
N HIS B 103 -25.20 22.95 -13.92
CA HIS B 103 -25.89 24.04 -14.60
C HIS B 103 -25.02 25.28 -14.64
N ASN B 104 -24.39 25.53 -13.51
CA ASN B 104 -23.54 26.67 -13.28
C ASN B 104 -22.11 26.45 -13.82
N PHE B 105 -21.92 25.37 -14.59
CA PHE B 105 -20.61 25.04 -15.14
C PHE B 105 -20.12 25.94 -16.24
N GLU B 106 -20.70 25.79 -17.43
CA GLU B 106 -20.32 26.60 -18.58
C GLU B 106 -20.25 28.07 -18.21
N LYS B 107 -21.31 28.54 -17.57
CA LYS B 107 -21.37 29.93 -17.11
C LYS B 107 -19.98 30.22 -16.56
N ASN B 108 -19.53 29.34 -15.67
CA ASN B 108 -18.24 29.45 -15.02
C ASN B 108 -17.00 29.32 -15.87
N VAL B 109 -16.91 28.28 -16.67
CA VAL B 109 -15.73 28.10 -17.50
C VAL B 109 -15.40 29.42 -18.21
N ILE B 110 -16.44 30.09 -18.70
CA ILE B 110 -16.27 31.37 -19.39
C ILE B 110 -15.56 32.34 -18.45
N LYS B 111 -16.17 32.58 -17.29
CA LYS B 111 -15.61 33.48 -16.27
C LYS B 111 -14.11 33.30 -16.06
N LEU B 112 -13.64 32.05 -16.12
CA LEU B 112 -12.23 31.75 -15.94
C LEU B 112 -11.40 32.11 -17.17
N SER B 113 -11.98 31.95 -18.36
CA SER B 113 -11.26 32.31 -19.58
C SER B 113 -10.95 33.77 -19.41
N GLU B 114 -12.01 34.54 -19.14
CA GLU B 114 -11.89 35.97 -18.92
C GLU B 114 -10.84 36.23 -17.85
N LYS B 115 -11.01 35.55 -16.71
CA LYS B 115 -10.12 35.70 -15.55
C LYS B 115 -8.66 35.31 -15.79
N TYR B 116 -8.43 34.26 -16.57
CA TYR B 116 -7.08 33.81 -16.87
C TYR B 116 -6.95 33.69 -18.38
N PRO B 117 -6.20 34.61 -19.01
CA PRO B 117 -5.99 34.63 -20.45
C PRO B 117 -5.13 33.50 -20.99
N LEU B 118 -3.86 33.46 -20.60
CA LEU B 118 -2.92 32.43 -21.08
C LEU B 118 -3.50 31.03 -21.10
N TYR B 119 -4.70 30.84 -20.53
CA TYR B 119 -5.34 29.53 -20.51
C TYR B 119 -6.76 29.59 -21.05
N SER B 120 -7.05 30.57 -21.90
CA SER B 120 -8.39 30.71 -22.47
C SER B 120 -8.59 29.86 -23.73
N GLU B 121 -7.50 29.40 -24.32
CA GLU B 121 -7.64 28.57 -25.50
C GLU B 121 -8.18 27.23 -25.03
N GLU B 122 -7.53 26.66 -24.02
CA GLU B 122 -7.95 25.38 -23.48
C GLU B 122 -9.27 25.49 -22.76
N LEU B 123 -9.36 26.44 -21.84
CA LEU B 123 -10.60 26.58 -21.09
C LEU B 123 -11.80 26.72 -22.02
N SER B 124 -11.71 27.65 -22.96
CA SER B 124 -12.80 27.89 -23.90
C SER B 124 -13.00 26.78 -24.91
N SER B 125 -11.96 25.97 -25.14
CA SER B 125 -12.09 24.87 -26.09
C SER B 125 -12.98 23.79 -25.50
N TRP B 126 -13.34 23.94 -24.24
CA TRP B 126 -14.21 22.97 -23.60
C TRP B 126 -15.64 23.20 -24.05
N LEU B 127 -16.33 24.13 -23.38
CA LEU B 127 -17.72 24.49 -23.69
C LEU B 127 -18.52 23.46 -24.46
N SER B 128 -18.53 23.59 -25.78
CA SER B 128 -19.25 22.65 -26.60
C SER B 128 -18.36 21.43 -26.81
N MET B 129 -18.51 20.47 -25.91
CA MET B 129 -17.77 19.22 -25.95
C MET B 129 -18.53 18.26 -25.07
N PRO B 130 -18.33 16.96 -25.27
CA PRO B 130 -19.06 16.03 -24.42
C PRO B 130 -18.53 16.12 -23.00
N ALA B 131 -19.39 15.85 -22.02
CA ALA B 131 -18.94 15.90 -20.65
C ALA B 131 -17.82 14.85 -20.55
N ALA B 132 -18.10 13.67 -21.09
CA ALA B 132 -17.18 12.54 -21.08
C ALA B 132 -15.73 12.90 -21.36
N SER B 133 -15.49 13.99 -22.07
CA SER B 133 -14.13 14.41 -22.38
C SER B 133 -13.71 15.75 -21.78
N ILE B 134 -14.65 16.44 -21.15
CA ILE B 134 -14.33 17.71 -20.48
C ILE B 134 -13.57 17.25 -19.24
N ARG B 135 -14.20 16.32 -18.53
CA ARG B 135 -13.65 15.72 -17.31
C ARG B 135 -12.22 15.25 -17.53
N GLN B 136 -11.98 14.71 -18.71
CA GLN B 136 -10.66 14.20 -19.06
C GLN B 136 -9.73 15.37 -19.34
N HIS B 137 -10.27 16.44 -19.93
CA HIS B 137 -9.48 17.61 -20.25
C HIS B 137 -9.15 18.43 -19.02
N MET B 138 -10.03 18.37 -18.03
CA MET B 138 -9.84 19.13 -16.80
C MET B 138 -8.84 18.51 -15.85
N SER B 139 -8.86 17.19 -15.73
CA SER B 139 -7.93 16.51 -14.84
C SER B 139 -6.54 16.56 -15.46
N ARG B 140 -6.48 16.48 -16.79
CA ARG B 140 -5.20 16.53 -17.49
C ARG B 140 -4.58 17.91 -17.25
N LEU B 141 -5.45 18.93 -17.25
CA LEU B 141 -5.00 20.31 -17.06
C LEU B 141 -4.64 20.51 -15.59
N GLN B 142 -5.47 19.95 -14.72
CA GLN B 142 -5.18 20.07 -13.31
C GLN B 142 -3.81 19.44 -13.09
N ALA B 143 -3.62 18.24 -13.63
CA ALA B 143 -2.35 17.55 -13.50
C ALA B 143 -1.18 18.42 -13.91
N LYS B 144 -1.29 19.03 -15.09
CA LYS B 144 -0.25 19.91 -15.63
C LYS B 144 0.00 21.09 -14.71
N LEU B 145 -1.06 21.69 -14.21
CA LEU B 145 -0.93 22.83 -13.32
C LEU B 145 -0.32 22.46 -11.97
N LYS B 146 -0.71 21.30 -11.45
CA LYS B 146 -0.21 20.84 -10.17
C LYS B 146 1.31 20.66 -10.15
N GLU B 147 1.93 20.69 -11.34
CA GLU B 147 3.39 20.54 -11.43
C GLU B 147 4.12 21.86 -11.40
N ILE B 148 3.37 22.96 -11.29
CA ILE B 148 3.98 24.28 -11.23
C ILE B 148 4.79 24.42 -9.97
N MET B 149 4.15 24.24 -8.82
CA MET B 149 4.81 24.37 -7.53
C MET B 149 6.26 23.87 -7.55
N PRO B 150 6.48 22.59 -7.86
CA PRO B 150 7.83 22.03 -7.89
C PRO B 150 8.74 22.61 -8.97
N LEU B 151 8.22 22.68 -10.20
CA LEU B 151 8.99 23.19 -11.33
C LEU B 151 9.57 24.59 -11.07
N ALA B 152 8.77 25.45 -10.46
CA ALA B 152 9.21 26.80 -10.15
C ALA B 152 10.27 26.76 -9.06
N GLU B 153 10.13 25.85 -8.09
CA GLU B 153 11.12 25.74 -7.03
C GLU B 153 12.46 25.26 -7.59
N ASP B 154 12.41 24.41 -8.61
CA ASP B 154 13.62 23.91 -9.23
C ASP B 154 14.34 25.07 -9.94
N LEU B 155 13.58 25.90 -10.63
CA LEU B 155 14.15 27.03 -11.33
C LEU B 155 14.66 28.08 -10.35
N SER B 156 13.90 28.32 -9.29
CA SER B 156 14.30 29.29 -8.28
C SER B 156 15.55 28.79 -7.58
N ASN B 157 16.35 28.05 -8.34
CA ASN B 157 17.60 27.47 -7.86
C ASN B 157 18.49 27.16 -9.06
N ILE B 158 18.29 27.93 -10.13
CA ILE B 158 19.05 27.77 -11.36
C ILE B 158 19.53 29.12 -11.90
N LYS B 159 20.84 29.23 -12.15
CA LYS B 159 21.45 30.45 -12.67
C LYS B 159 20.96 30.70 -14.10
N ILE B 160 20.06 31.67 -14.25
CA ILE B 160 19.48 32.00 -15.54
C ILE B 160 20.50 32.35 -16.63
N GLY B 161 21.77 32.50 -16.24
CA GLY B 161 22.83 32.83 -17.18
C GLY B 161 23.33 31.66 -18.01
N THR B 162 23.98 31.97 -19.13
CA THR B 162 24.49 30.95 -20.04
C THR B 162 25.75 30.20 -19.55
N LYS B 163 25.87 29.99 -18.24
CA LYS B 163 27.02 29.28 -17.68
C LYS B 163 26.74 27.79 -17.52
N ASN B 164 25.56 27.48 -16.97
CA ASN B 164 25.14 26.11 -16.75
C ASN B 164 23.70 25.93 -17.22
N SER B 165 23.11 27.03 -17.69
CA SER B 165 21.73 27.00 -18.19
C SER B 165 21.51 25.90 -19.22
N GLU B 166 22.21 25.99 -20.36
CA GLU B 166 22.09 25.00 -21.42
C GLU B 166 21.85 23.57 -20.89
N ALA B 167 22.75 23.11 -20.02
CA ALA B 167 22.68 21.78 -19.45
C ALA B 167 21.47 21.56 -18.55
N LYS B 168 21.47 22.24 -17.40
CA LYS B 168 20.39 22.12 -16.43
C LYS B 168 19.02 22.21 -17.11
N ILE B 169 18.81 23.29 -17.86
CA ILE B 169 17.55 23.52 -18.55
C ILE B 169 17.14 22.35 -19.43
N ASN B 170 17.97 21.97 -20.39
CA ASN B 170 17.63 20.85 -21.27
C ASN B 170 17.48 19.52 -20.53
N LYS B 171 17.87 19.50 -19.26
CA LYS B 171 17.76 18.30 -18.44
C LYS B 171 16.44 18.36 -17.69
N LEU B 172 16.20 19.51 -17.08
CA LEU B 172 14.97 19.79 -16.32
C LEU B 172 13.77 20.00 -17.24
N ALA B 173 14.01 20.72 -18.32
CA ALA B 173 12.96 20.99 -19.30
C ALA B 173 12.48 19.68 -19.89
N ASN B 174 13.40 18.77 -20.14
CA ASN B 174 13.04 17.47 -20.69
C ASN B 174 12.51 16.58 -19.57
N LYS B 175 12.46 17.14 -18.36
CA LYS B 175 11.96 16.39 -17.20
C LYS B 175 10.50 16.74 -16.92
N TYR B 176 10.05 17.88 -17.41
CA TYR B 176 8.67 18.33 -17.22
C TYR B 176 7.99 18.55 -18.58
N PRO B 177 7.57 17.46 -19.24
CA PRO B 177 6.90 17.46 -20.54
C PRO B 177 6.11 18.68 -20.98
N GLU B 178 4.84 18.81 -20.60
CA GLU B 178 4.10 19.99 -21.09
C GLU B 178 4.55 21.31 -20.52
N TRP B 179 5.82 21.60 -20.70
CA TRP B 179 6.42 22.83 -20.27
C TRP B 179 7.68 22.98 -21.13
N GLN B 180 8.16 21.86 -21.67
CA GLN B 180 9.35 21.84 -22.52
C GLN B 180 9.30 22.92 -23.58
N PHE B 181 8.09 23.25 -24.01
CA PHE B 181 7.89 24.28 -25.01
C PHE B 181 8.26 25.67 -24.45
N ALA B 182 7.90 25.91 -23.19
CA ALA B 182 8.19 27.19 -22.55
C ALA B 182 9.45 27.16 -21.68
N ILE B 183 9.98 25.97 -21.44
CA ILE B 183 11.20 25.86 -20.63
C ILE B 183 12.42 25.91 -21.51
N SER B 184 12.51 24.97 -22.46
CA SER B 184 13.63 24.90 -23.39
C SER B 184 13.81 26.22 -24.12
N ASP B 185 12.78 27.05 -24.10
CA ASP B 185 12.82 28.34 -24.77
C ASP B 185 13.36 29.43 -23.85
N LEU B 186 14.20 29.05 -22.90
CA LEU B 186 14.80 29.99 -21.97
C LEU B 186 16.22 30.31 -22.43
N ASN B 187 17.00 29.25 -22.65
CA ASN B 187 18.37 29.40 -23.10
C ASN B 187 18.39 29.26 -24.62
N SER B 188 17.93 30.28 -25.33
CA SER B 188 17.89 30.22 -26.78
C SER B 188 17.99 31.57 -27.47
N GLU B 189 17.31 31.69 -28.61
CA GLU B 189 17.27 32.91 -29.39
C GLU B 189 16.83 34.08 -28.49
N ASP B 190 16.09 33.75 -27.42
CA ASP B 190 15.61 34.73 -26.47
C ASP B 190 16.08 34.41 -25.05
N TRP B 191 15.77 35.28 -24.10
CA TRP B 191 16.19 35.06 -22.72
C TRP B 191 15.24 35.67 -21.70
N LYS B 192 15.49 36.91 -21.33
CA LYS B 192 14.69 37.64 -20.35
C LYS B 192 13.18 37.58 -20.61
N ASP B 193 12.73 38.28 -21.64
CA ASP B 193 11.30 38.32 -21.95
C ASP B 193 10.58 36.97 -21.97
N LYS B 194 11.24 35.94 -22.52
CA LYS B 194 10.63 34.62 -22.59
C LYS B 194 10.57 33.94 -21.21
N ARG B 195 11.38 34.47 -20.28
CA ARG B 195 11.42 33.96 -18.91
C ARG B 195 10.22 34.57 -18.20
N ASP B 196 10.21 35.89 -18.08
CA ASP B 196 9.11 36.59 -17.43
C ASP B 196 7.79 36.01 -17.92
N TYR B 197 7.80 35.47 -19.14
CA TYR B 197 6.63 34.85 -19.72
C TYR B 197 6.15 33.72 -18.81
N LEU B 198 7.05 32.77 -18.52
CA LEU B 198 6.72 31.64 -17.66
C LEU B 198 6.02 32.06 -16.39
N TYR B 199 6.66 32.97 -15.64
CA TYR B 199 6.10 33.46 -14.39
C TYR B 199 4.66 33.92 -14.59
N LYS B 200 4.31 34.25 -15.83
CA LYS B 200 2.94 34.66 -16.12
C LYS B 200 2.10 33.40 -16.28
N LEU B 201 2.73 32.36 -16.84
CA LEU B 201 2.05 31.09 -17.00
C LEU B 201 1.90 30.50 -15.60
N PHE B 202 2.88 30.80 -14.76
CA PHE B 202 2.88 30.30 -13.38
C PHE B 202 1.86 30.98 -12.50
N GLN B 203 1.98 32.30 -12.31
CA GLN B 203 1.05 33.00 -11.44
C GLN B 203 -0.41 32.85 -11.85
N GLN B 204 -0.63 32.60 -13.14
CA GLN B 204 -1.98 32.43 -13.66
C GLN B 204 -2.47 31.00 -13.50
N GLY B 205 -1.64 30.05 -13.92
CA GLY B 205 -2.00 28.64 -13.79
C GLY B 205 -2.09 28.20 -12.34
N SER B 206 -1.31 28.86 -11.49
CA SER B 206 -1.31 28.53 -10.09
C SER B 206 -2.65 28.90 -9.44
N SER B 207 -3.21 30.05 -9.80
CA SER B 207 -4.49 30.43 -9.20
C SER B 207 -5.65 29.80 -10.00
N LEU B 208 -5.37 29.36 -11.22
CA LEU B 208 -6.41 28.75 -12.01
C LEU B 208 -6.78 27.48 -11.28
N LEU B 209 -5.76 26.65 -11.03
CA LEU B 209 -5.90 25.40 -10.33
C LEU B 209 -6.71 25.61 -9.06
N GLU B 210 -6.27 26.57 -8.23
CA GLU B 210 -6.96 26.87 -6.99
C GLU B 210 -8.46 26.95 -7.31
N ASP B 211 -8.80 27.53 -8.47
CA ASP B 211 -10.21 27.66 -8.90
C ASP B 211 -10.77 26.44 -9.64
N LEU B 212 -9.91 25.76 -10.40
CA LEU B 212 -10.34 24.57 -11.14
C LEU B 212 -10.69 23.47 -10.13
N ASN B 213 -9.96 23.43 -9.03
CA ASN B 213 -10.21 22.43 -7.99
C ASN B 213 -11.55 22.66 -7.31
N ASN B 214 -11.84 23.92 -7.06
CA ASN B 214 -13.09 24.30 -6.40
C ASN B 214 -14.27 24.24 -7.34
N LEU B 215 -14.01 24.40 -8.64
CA LEU B 215 -15.09 24.38 -9.62
C LEU B 215 -15.92 23.09 -9.60
N LYS B 216 -17.24 23.23 -9.49
CA LYS B 216 -18.15 22.08 -9.50
C LYS B 216 -18.33 21.61 -10.96
N VAL B 217 -18.20 20.32 -11.20
CA VAL B 217 -18.32 19.80 -12.55
C VAL B 217 -19.59 18.97 -12.79
N ASN B 218 -19.64 17.77 -12.21
CA ASN B 218 -20.79 16.89 -12.36
C ASN B 218 -22.14 17.47 -11.85
N HIS B 219 -23.23 17.01 -12.46
CA HIS B 219 -24.58 17.48 -12.15
C HIS B 219 -24.95 17.61 -10.67
N GLU B 220 -25.58 18.74 -10.36
CA GLU B 220 -26.02 19.08 -9.02
C GLU B 220 -26.60 17.95 -8.19
N VAL B 221 -27.39 17.09 -8.82
CA VAL B 221 -27.99 15.97 -8.10
C VAL B 221 -26.96 15.12 -7.38
N LEU B 222 -25.89 14.77 -8.08
CA LEU B 222 -24.83 13.93 -7.51
C LEU B 222 -24.43 14.30 -6.10
N TYR B 223 -24.41 15.60 -5.82
CA TYR B 223 -24.02 16.06 -4.50
C TYR B 223 -25.02 15.71 -3.40
N HIS B 224 -26.11 15.05 -3.77
CA HIS B 224 -27.13 14.66 -2.80
C HIS B 224 -27.34 13.16 -2.86
N LEU B 225 -26.81 12.54 -3.90
CA LEU B 225 -26.89 11.08 -4.09
C LEU B 225 -25.69 10.41 -3.44
N GLN B 226 -25.19 11.02 -2.38
CA GLN B 226 -24.05 10.53 -1.62
C GLN B 226 -24.56 9.72 -0.42
N LEU B 227 -23.72 8.85 0.14
CA LEU B 227 -24.14 8.12 1.35
C LEU B 227 -24.11 9.22 2.40
N SER B 228 -23.61 8.93 3.59
CA SER B 228 -23.53 9.96 4.60
C SER B 228 -22.32 9.65 5.44
N SER B 229 -21.58 10.66 5.88
CA SER B 229 -20.40 10.41 6.68
C SER B 229 -20.61 9.15 7.55
N ALA B 230 -21.71 9.14 8.29
CA ALA B 230 -22.01 8.00 9.14
C ALA B 230 -21.95 6.70 8.37
N GLU B 231 -22.74 6.61 7.32
CA GLU B 231 -22.82 5.43 6.48
C GLU B 231 -21.52 5.13 5.73
N ARG B 232 -20.93 6.15 5.14
CA ARG B 232 -19.68 5.97 4.40
C ARG B 232 -18.56 5.50 5.32
N THR B 233 -18.29 6.28 6.37
CA THR B 233 -17.26 5.98 7.33
C THR B 233 -17.31 4.55 7.83
N SER B 234 -18.49 4.09 8.22
CA SER B 234 -18.61 2.74 8.74
C SER B 234 -18.50 1.66 7.67
N ILE B 235 -18.76 1.98 6.40
CA ILE B 235 -18.60 0.96 5.38
C ILE B 235 -17.09 0.88 5.18
N GLN B 236 -16.52 2.03 4.86
CA GLN B 236 -15.09 2.19 4.62
C GLN B 236 -14.21 1.56 5.70
N GLN B 237 -14.74 1.48 6.92
CA GLN B 237 -13.97 0.87 8.01
C GLN B 237 -14.19 -0.63 7.95
N ARG B 238 -15.42 -1.03 7.62
CA ARG B 238 -15.72 -2.44 7.53
C ARG B 238 -14.82 -3.08 6.50
N TRP B 239 -14.84 -2.52 5.29
CA TRP B 239 -14.00 -3.04 4.22
C TRP B 239 -12.56 -3.10 4.68
N ALA B 240 -12.12 -2.00 5.29
CA ALA B 240 -10.76 -1.91 5.79
C ALA B 240 -10.45 -3.07 6.72
N ASN B 241 -11.45 -3.50 7.49
CA ASN B 241 -11.29 -4.60 8.40
C ASN B 241 -11.27 -5.95 7.70
N VAL B 242 -12.14 -6.13 6.71
CA VAL B 242 -12.23 -7.38 5.96
C VAL B 242 -10.96 -7.76 5.24
N LEU B 243 -10.28 -6.78 4.66
CA LEU B 243 -9.05 -7.09 3.96
C LEU B 243 -7.88 -7.27 4.93
N SER B 244 -8.05 -6.78 6.15
CA SER B 244 -7.02 -6.89 7.17
C SER B 244 -7.00 -8.32 7.73
N GLU B 245 -8.16 -8.82 8.08
CA GLU B 245 -8.23 -10.17 8.60
C GLU B 245 -7.71 -11.10 7.51
N LYS B 246 -7.88 -10.67 6.27
CA LYS B 246 -7.47 -11.44 5.10
C LYS B 246 -5.95 -11.60 4.96
N LYS B 247 -5.21 -10.54 5.26
CA LYS B 247 -3.75 -10.60 5.16
C LYS B 247 -3.19 -11.40 6.35
N ARG B 248 -4.04 -11.66 7.34
CA ARG B 248 -3.63 -12.46 8.49
C ARG B 248 -4.16 -13.88 8.34
N ASN B 249 -4.59 -14.22 7.14
CA ASN B 249 -5.09 -15.56 6.88
C ASN B 249 -4.75 -16.03 5.49
N VAL B 250 -3.49 -16.44 5.33
CA VAL B 250 -3.00 -16.93 4.06
C VAL B 250 -3.47 -18.36 3.85
N VAL B 251 -3.54 -18.73 2.57
CA VAL B 251 -3.98 -20.06 2.13
C VAL B 251 -2.86 -20.69 1.29
N VAL B 252 -2.21 -21.72 1.83
CA VAL B 252 -1.10 -22.36 1.11
C VAL B 252 -1.53 -23.28 -0.02
N ILE B 253 -0.91 -23.10 -1.19
CA ILE B 253 -1.21 -23.88 -2.39
C ILE B 253 -0.02 -24.77 -2.75
N ASP B 254 -0.33 -25.96 -3.26
CA ASP B 254 0.71 -26.91 -3.66
C ASP B 254 1.05 -26.65 -5.14
N TYR B 255 2.13 -25.91 -5.38
CA TYR B 255 2.53 -25.54 -6.74
C TYR B 255 2.39 -26.64 -7.80
N PRO B 256 3.16 -27.75 -7.68
CA PRO B 256 3.03 -28.78 -8.72
C PRO B 256 1.66 -29.44 -8.87
N ARG B 257 0.97 -29.72 -7.77
CA ARG B 257 -0.35 -30.35 -7.89
C ARG B 257 -1.23 -29.42 -8.68
N TYR B 258 -1.22 -28.16 -8.26
CA TYR B 258 -2.00 -27.12 -8.90
C TYR B 258 -1.60 -27.02 -10.35
N MET B 259 -0.34 -26.66 -10.59
CA MET B 259 0.14 -26.54 -11.95
C MET B 259 -0.30 -27.72 -12.82
N GLN B 260 -0.12 -28.94 -12.30
CA GLN B 260 -0.50 -30.14 -13.04
C GLN B 260 -1.96 -30.10 -13.46
N ALA B 261 -2.84 -30.05 -12.46
CA ALA B 261 -4.29 -30.01 -12.69
C ALA B 261 -4.63 -28.99 -13.74
N ILE B 262 -3.85 -27.91 -13.81
CA ILE B 262 -4.10 -26.89 -14.81
C ILE B 262 -3.66 -27.37 -16.18
N TYR B 263 -2.43 -27.87 -16.26
CA TYR B 263 -1.92 -28.38 -17.53
C TYR B 263 -2.83 -29.49 -18.08
N ASP B 264 -3.41 -30.28 -17.18
CA ASP B 264 -4.30 -31.34 -17.58
C ASP B 264 -5.58 -30.79 -18.19
N ILE B 265 -5.96 -29.57 -17.83
CA ILE B 265 -7.16 -28.99 -18.40
C ILE B 265 -6.82 -28.54 -19.81
N ILE B 266 -5.71 -27.81 -19.93
CA ILE B 266 -5.25 -27.28 -21.19
C ILE B 266 -5.09 -28.31 -22.33
N ASN B 267 -4.75 -29.55 -21.97
CA ASN B 267 -4.55 -30.60 -22.97
C ASN B 267 -5.81 -31.19 -23.59
N LYS B 268 -6.77 -31.57 -22.76
CA LYS B 268 -8.01 -32.14 -23.29
C LYS B 268 -8.36 -31.40 -24.56
N PRO B 269 -8.39 -32.09 -25.71
CA PRO B 269 -8.74 -31.38 -26.95
C PRO B 269 -10.04 -30.61 -26.75
N ILE B 270 -10.12 -29.45 -27.38
CA ILE B 270 -11.29 -28.61 -27.24
C ILE B 270 -12.60 -29.39 -27.32
N VAL B 271 -12.65 -30.42 -28.14
CA VAL B 271 -13.87 -31.20 -28.29
C VAL B 271 -14.11 -32.06 -27.05
N SER B 272 -13.02 -32.47 -26.44
CA SER B 272 -13.10 -33.32 -25.27
C SER B 272 -14.16 -32.85 -24.29
N PHE B 273 -14.41 -31.55 -24.20
CA PHE B 273 -15.42 -31.14 -23.25
C PHE B 273 -16.58 -30.32 -23.75
N ASP B 274 -17.69 -30.49 -23.05
CA ASP B 274 -18.96 -29.82 -23.33
C ASP B 274 -18.86 -28.30 -23.25
N LEU B 275 -19.37 -27.62 -24.26
CA LEU B 275 -19.34 -26.18 -24.27
C LEU B 275 -20.69 -25.68 -24.76
N THR B 276 -21.70 -26.50 -24.55
CA THR B 276 -23.05 -26.16 -24.95
C THR B 276 -23.79 -25.66 -23.73
N THR B 277 -23.09 -25.63 -22.60
CA THR B 277 -23.64 -25.16 -21.33
C THR B 277 -22.74 -24.05 -20.81
N ARG B 278 -23.28 -23.17 -19.98
CA ARG B 278 -22.49 -22.09 -19.44
C ARG B 278 -21.45 -22.70 -18.51
N ARG B 279 -21.85 -23.68 -17.70
CA ARG B 279 -20.93 -24.33 -16.78
C ARG B 279 -19.82 -25.07 -17.50
N GLY B 280 -20.15 -25.67 -18.62
CA GLY B 280 -19.16 -26.43 -19.37
C GLY B 280 -17.85 -25.72 -19.55
N MET B 281 -17.92 -24.44 -19.90
CA MET B 281 -16.69 -23.71 -20.10
C MET B 281 -16.04 -23.20 -18.81
N ALA B 282 -16.51 -23.67 -17.66
CA ALA B 282 -15.91 -23.24 -16.40
C ALA B 282 -14.47 -23.73 -16.34
N PRO B 283 -14.22 -25.06 -16.30
CA PRO B 283 -12.84 -25.56 -16.23
C PRO B 283 -11.85 -24.81 -17.13
N LEU B 284 -12.19 -24.70 -18.40
CA LEU B 284 -11.31 -24.01 -19.33
C LEU B 284 -11.18 -22.52 -18.98
N ALA B 285 -12.30 -21.85 -18.70
CA ALA B 285 -12.31 -20.43 -18.34
C ALA B 285 -11.41 -20.18 -17.15
N PHE B 286 -11.62 -20.94 -16.08
CA PHE B 286 -10.81 -20.76 -14.88
C PHE B 286 -9.35 -21.04 -15.18
N ALA B 287 -9.09 -22.04 -16.00
CA ALA B 287 -7.72 -22.39 -16.35
C ALA B 287 -6.99 -21.24 -17.06
N LEU B 288 -7.59 -20.73 -18.14
CA LEU B 288 -7.02 -19.63 -18.92
C LEU B 288 -6.75 -18.47 -18.00
N ALA B 289 -7.69 -18.20 -17.10
CA ALA B 289 -7.54 -17.13 -16.13
C ALA B 289 -6.40 -17.43 -15.13
N ALA B 290 -6.25 -18.70 -14.79
CA ALA B 290 -5.23 -19.18 -13.87
C ALA B 290 -3.82 -19.11 -14.45
N LEU B 291 -3.73 -19.12 -15.79
CA LEU B 291 -2.44 -19.09 -16.48
C LEU B 291 -1.95 -17.69 -16.82
N SER B 292 -2.88 -16.74 -16.95
CA SER B 292 -2.55 -15.36 -17.34
C SER B 292 -2.73 -14.33 -16.22
N GLY B 293 -3.71 -14.59 -15.36
CA GLY B 293 -3.97 -13.69 -14.26
C GLY B 293 -4.90 -12.58 -14.70
N ARG B 294 -5.60 -12.77 -15.79
CA ARG B 294 -6.51 -11.72 -16.20
C ARG B 294 -7.83 -11.92 -15.50
N ARG B 295 -8.65 -10.88 -15.47
CA ARG B 295 -9.94 -10.95 -14.81
C ARG B 295 -10.90 -11.73 -15.67
N MET B 296 -11.89 -12.36 -15.05
CA MET B 296 -12.89 -13.13 -15.78
C MET B 296 -13.38 -12.38 -17.02
N ILE B 297 -13.98 -11.21 -16.82
CA ILE B 297 -14.47 -10.45 -17.96
C ILE B 297 -13.39 -10.26 -19.04
N GLU B 298 -12.19 -9.92 -18.62
CA GLU B 298 -11.08 -9.72 -19.56
C GLU B 298 -10.91 -10.95 -20.46
N ILE B 299 -10.95 -12.13 -19.86
CA ILE B 299 -10.81 -13.38 -20.60
C ILE B 299 -12.03 -13.62 -21.48
N MET B 300 -13.17 -13.72 -20.84
CA MET B 300 -14.42 -13.97 -21.53
C MET B 300 -14.89 -12.93 -22.54
N LEU B 301 -14.50 -11.67 -22.44
CA LEU B 301 -15.07 -10.71 -23.39
C LEU B 301 -14.28 -9.59 -24.06
N GLN B 302 -13.70 -8.68 -23.29
CA GLN B 302 -13.01 -7.55 -23.87
C GLN B 302 -11.48 -7.62 -23.89
N GLY B 303 -10.92 -8.74 -23.47
CA GLY B 303 -9.48 -8.87 -23.47
C GLY B 303 -8.98 -9.10 -24.88
N GLU B 304 -7.77 -8.63 -25.19
CA GLU B 304 -7.21 -8.82 -26.52
C GLU B 304 -5.72 -9.12 -26.44
N PHE B 305 -5.36 -10.34 -26.85
CA PHE B 305 -3.97 -10.77 -26.77
C PHE B 305 -3.31 -11.16 -28.09
N SER B 306 -1.99 -11.09 -28.09
CA SER B 306 -1.18 -11.45 -29.25
C SER B 306 0.16 -11.90 -28.68
N VAL B 307 0.64 -13.06 -29.10
CA VAL B 307 1.90 -13.59 -28.57
C VAL B 307 3.04 -12.60 -28.61
N ALA B 308 4.02 -12.79 -27.73
CA ALA B 308 5.19 -11.91 -27.64
C ALA B 308 6.44 -12.72 -27.34
N GLY B 309 6.25 -13.98 -26.96
CA GLY B 309 7.38 -14.83 -26.64
C GLY B 309 6.82 -16.12 -26.12
N LYS B 310 7.67 -17.05 -25.71
CA LYS B 310 7.20 -18.32 -25.19
C LYS B 310 6.24 -18.13 -24.01
N TYR B 311 6.64 -17.28 -23.08
CA TYR B 311 5.83 -17.05 -21.90
C TYR B 311 5.26 -15.63 -21.75
N THR B 312 5.51 -14.76 -22.73
CA THR B 312 4.95 -13.42 -22.65
C THR B 312 3.97 -13.13 -23.77
N VAL B 313 2.93 -12.39 -23.44
CA VAL B 313 1.89 -12.01 -24.39
C VAL B 313 1.49 -10.56 -24.16
N THR B 314 1.12 -9.86 -25.22
CA THR B 314 0.72 -8.48 -25.08
C THR B 314 -0.78 -8.44 -24.86
N PHE B 315 -1.21 -7.54 -23.99
CA PHE B 315 -2.61 -7.42 -23.62
C PHE B 315 -3.22 -6.01 -23.75
N LEU B 316 -4.47 -5.95 -24.18
CA LEU B 316 -5.18 -4.67 -24.30
C LEU B 316 -6.56 -4.87 -23.70
N GLY B 317 -7.23 -3.79 -23.32
CA GLY B 317 -8.55 -3.94 -22.74
C GLY B 317 -8.58 -4.19 -21.23
N GLN B 318 -7.64 -3.60 -20.50
CA GLN B 318 -7.61 -3.73 -19.04
C GLN B 318 -8.97 -3.21 -18.54
N ALA B 319 -9.62 -3.99 -17.68
CA ALA B 319 -10.92 -3.58 -17.16
C ALA B 319 -10.78 -2.71 -15.93
N LYS B 320 -11.91 -2.15 -15.51
CA LYS B 320 -11.95 -1.32 -14.32
C LYS B 320 -11.19 -0.01 -14.41
N LYS B 321 -10.73 0.36 -15.59
CA LYS B 321 -10.04 1.63 -15.70
C LYS B 321 -11.12 2.68 -15.85
N ARG B 322 -11.06 3.71 -15.02
CA ARG B 322 -12.04 4.78 -15.13
C ARG B 322 -11.48 5.52 -16.32
N SER B 323 -11.97 5.16 -17.49
CA SER B 323 -11.54 5.71 -18.76
C SER B 323 -10.41 6.74 -18.75
N GLU B 324 -9.29 6.31 -19.33
CA GLU B 324 -8.12 7.15 -19.48
C GLU B 324 -8.38 7.58 -20.92
N ASP B 325 -9.24 6.76 -21.55
CA ASP B 325 -9.68 6.85 -22.95
C ASP B 325 -8.81 5.85 -23.72
N LYS B 326 -7.51 5.95 -23.46
CA LYS B 326 -6.48 5.14 -24.09
C LYS B 326 -6.66 3.62 -24.06
N GLY B 327 -6.37 3.02 -25.22
CA GLY B 327 -6.43 1.59 -25.37
C GLY B 327 -4.98 1.13 -25.33
N ILE B 328 -4.34 1.34 -24.18
CA ILE B 328 -2.95 0.97 -23.97
C ILE B 328 -2.74 -0.55 -23.86
N SER B 329 -1.52 -0.99 -24.15
CA SER B 329 -1.19 -2.42 -24.07
C SER B 329 -0.10 -2.64 -23.05
N ARG B 330 -0.23 -3.73 -22.31
CA ARG B 330 0.75 -4.09 -21.29
C ARG B 330 1.26 -5.49 -21.60
N LYS B 331 2.57 -5.69 -21.44
CA LYS B 331 3.16 -7.00 -21.68
C LYS B 331 3.00 -7.80 -20.39
N ILE B 332 2.35 -8.96 -20.51
CA ILE B 332 2.09 -9.83 -19.36
C ILE B 332 2.67 -11.23 -19.49
N TYR B 333 2.82 -11.90 -18.37
CA TYR B 333 3.34 -13.26 -18.37
C TYR B 333 2.23 -14.25 -18.66
N THR B 334 2.62 -15.44 -19.11
CA THR B 334 1.72 -16.54 -19.41
C THR B 334 2.41 -17.76 -18.82
N LEU B 335 1.69 -18.60 -18.09
CA LEU B 335 2.33 -19.76 -17.49
C LEU B 335 2.49 -21.05 -18.33
N CYS B 336 2.29 -20.92 -19.63
CA CYS B 336 2.49 -22.02 -20.56
C CYS B 336 2.56 -21.39 -21.93
N ASP B 337 2.92 -22.15 -22.97
CA ASP B 337 3.04 -21.57 -24.31
C ASP B 337 2.01 -20.48 -24.60
N ALA B 338 2.50 -19.25 -24.68
CA ALA B 338 1.66 -18.07 -24.92
C ALA B 338 0.87 -18.18 -26.20
N THR B 339 1.37 -18.99 -27.13
CA THR B 339 0.68 -19.19 -28.40
C THR B 339 -0.53 -20.08 -28.10
N LEU B 340 -0.27 -21.20 -27.44
CA LEU B 340 -1.32 -22.13 -27.06
C LEU B 340 -2.36 -21.36 -26.28
N PHE B 341 -1.88 -20.43 -25.47
CA PHE B 341 -2.78 -19.60 -24.67
C PHE B 341 -3.72 -18.79 -25.56
N VAL B 342 -3.16 -17.95 -26.43
CA VAL B 342 -4.00 -17.12 -27.28
C VAL B 342 -4.99 -17.90 -28.13
N SER B 343 -4.69 -19.17 -28.40
CA SER B 343 -5.61 -19.97 -29.20
C SER B 343 -6.77 -20.52 -28.36
N LEU B 344 -6.50 -20.89 -27.11
CA LEU B 344 -7.56 -21.40 -26.24
C LEU B 344 -8.54 -20.29 -25.90
N VAL B 345 -8.06 -19.06 -25.93
CA VAL B 345 -8.92 -17.94 -25.63
C VAL B 345 -9.77 -17.69 -26.87
N ASN B 346 -9.18 -17.85 -28.04
CA ASN B 346 -9.93 -17.64 -29.28
C ASN B 346 -10.90 -18.77 -29.48
N GLU B 347 -10.60 -19.91 -28.86
CA GLU B 347 -11.48 -21.07 -28.95
C GLU B 347 -12.68 -20.83 -28.06
N LEU B 348 -12.44 -20.82 -26.75
CA LEU B 348 -13.49 -20.61 -25.77
C LEU B 348 -14.48 -19.52 -26.20
N ARG B 349 -13.96 -18.37 -26.61
CA ARG B 349 -14.78 -17.24 -27.03
C ARG B 349 -15.78 -17.55 -28.13
N SER B 350 -15.60 -18.69 -28.78
CA SER B 350 -16.49 -19.11 -29.85
C SER B 350 -17.55 -20.13 -29.41
N CYS B 351 -17.09 -21.36 -29.13
CA CYS B 351 -18.01 -22.43 -28.75
C CYS B 351 -19.31 -21.94 -28.10
N PRO B 352 -20.45 -22.40 -28.65
CA PRO B 352 -21.85 -22.14 -28.32
C PRO B 352 -22.11 -21.30 -27.10
N ALA B 353 -21.91 -21.91 -25.95
CA ALA B 353 -22.11 -21.28 -24.67
C ALA B 353 -21.70 -19.83 -24.62
N ALA B 354 -20.74 -19.44 -25.46
CA ALA B 354 -20.24 -18.07 -25.48
C ALA B 354 -20.75 -17.16 -26.61
N ALA B 355 -21.69 -17.63 -27.42
CA ALA B 355 -22.20 -16.83 -28.54
C ALA B 355 -23.35 -15.87 -28.21
N ASP B 356 -24.11 -16.16 -27.15
CA ASP B 356 -25.24 -15.30 -26.75
C ASP B 356 -24.75 -13.90 -26.40
N PHE B 357 -23.52 -13.82 -25.91
CA PHE B 357 -22.88 -12.59 -25.46
C PHE B 357 -23.22 -11.29 -26.15
N ASP B 358 -23.38 -11.30 -27.47
CA ASP B 358 -23.72 -10.07 -28.18
C ASP B 358 -25.13 -9.60 -27.86
N GLU B 359 -25.97 -10.51 -27.36
CA GLU B 359 -27.34 -10.17 -27.01
C GLU B 359 -27.49 -10.04 -25.50
N VAL B 360 -26.87 -10.95 -24.76
CA VAL B 360 -26.93 -10.92 -23.30
C VAL B 360 -26.62 -9.49 -22.85
N ILE B 361 -25.65 -8.89 -23.53
CA ILE B 361 -25.23 -7.55 -23.26
C ILE B 361 -26.35 -6.53 -23.35
N LYS B 362 -27.10 -6.55 -24.44
CA LYS B 362 -28.18 -5.59 -24.65
C LYS B 362 -29.17 -5.45 -23.52
N GLY B 363 -29.14 -6.38 -22.56
CA GLY B 363 -30.06 -6.29 -21.44
C GLY B 363 -31.41 -6.89 -21.74
N TYR B 364 -32.33 -6.78 -20.79
CA TYR B 364 -33.67 -7.34 -20.96
C TYR B 364 -34.81 -6.30 -21.03
N GLY B 365 -34.46 -5.03 -20.92
CA GLY B 365 -35.47 -4.00 -20.99
C GLY B 365 -34.98 -2.69 -20.44
N GLU B 366 -35.89 -1.74 -20.32
CA GLU B 366 -35.56 -0.41 -19.82
C GLU B 366 -35.33 -0.45 -18.32
N ASN B 367 -35.66 -1.57 -17.69
CA ASN B 367 -35.44 -1.66 -16.27
C ASN B 367 -34.19 -2.43 -15.89
N ASP B 368 -33.33 -2.74 -16.86
CA ASP B 368 -32.10 -3.43 -16.56
C ASP B 368 -31.03 -2.35 -16.39
N THR B 369 -30.63 -2.14 -15.14
CA THR B 369 -29.64 -1.13 -14.78
C THR B 369 -28.18 -1.59 -14.84
N ARG B 370 -27.99 -2.89 -15.03
CA ARG B 370 -26.65 -3.46 -15.08
C ARG B 370 -25.83 -2.91 -16.24
N SER B 371 -24.52 -3.16 -16.18
CA SER B 371 -23.60 -2.72 -17.22
C SER B 371 -23.51 -3.86 -18.19
N GLU B 372 -22.97 -3.61 -19.39
CA GLU B 372 -22.85 -4.71 -20.33
C GLU B 372 -21.95 -5.75 -19.66
N ASN B 373 -20.81 -5.31 -19.13
CA ASN B 373 -19.93 -6.24 -18.44
C ASN B 373 -20.71 -6.86 -17.30
N GLY B 374 -21.52 -6.05 -16.62
CA GLY B 374 -22.30 -6.56 -15.51
C GLY B 374 -23.27 -7.64 -15.93
N ARG B 375 -23.87 -7.45 -17.10
CA ARG B 375 -24.82 -8.39 -17.67
C ARG B 375 -24.12 -9.72 -17.82
N ILE B 376 -22.86 -9.67 -18.26
CA ILE B 376 -22.05 -10.88 -18.44
C ILE B 376 -21.86 -11.55 -17.08
N ASN B 377 -21.38 -10.79 -16.10
CA ASN B 377 -21.16 -11.31 -14.78
C ASN B 377 -22.41 -12.04 -14.26
N ALA B 378 -23.58 -11.55 -14.66
CA ALA B 378 -24.86 -12.12 -14.24
C ALA B 378 -24.98 -13.57 -14.69
N ILE B 379 -24.32 -13.90 -15.78
CA ILE B 379 -24.34 -15.24 -16.32
C ILE B 379 -23.18 -16.14 -15.88
N LEU B 380 -21.97 -15.77 -16.28
CA LEU B 380 -20.79 -16.56 -15.98
C LEU B 380 -20.45 -16.79 -14.51
N ALA B 381 -20.44 -15.73 -13.70
CA ALA B 381 -20.13 -15.87 -12.28
C ALA B 381 -20.76 -17.14 -11.65
N THR B 382 -22.07 -17.31 -11.75
CA THR B 382 -22.71 -18.49 -11.18
C THR B 382 -22.24 -19.78 -11.85
N ALA B 383 -21.94 -19.69 -13.14
CA ALA B 383 -21.52 -20.89 -13.85
C ALA B 383 -20.10 -21.31 -13.48
N PHE B 384 -19.24 -20.34 -13.22
CA PHE B 384 -17.85 -20.68 -12.92
C PHE B 384 -17.47 -20.98 -11.48
N ASN B 385 -17.84 -20.12 -10.54
CA ASN B 385 -17.43 -20.34 -9.16
C ASN B 385 -17.68 -21.72 -8.58
N PRO B 386 -18.88 -22.26 -8.76
CA PRO B 386 -19.14 -23.60 -8.21
C PRO B 386 -18.10 -24.62 -8.67
N TRP B 387 -17.80 -24.64 -9.97
CA TRP B 387 -16.80 -25.57 -10.49
C TRP B 387 -15.49 -25.38 -9.73
N VAL B 388 -15.01 -24.15 -9.70
CA VAL B 388 -13.76 -23.82 -9.04
C VAL B 388 -13.60 -24.41 -7.64
N LYS B 389 -14.64 -24.33 -6.81
CA LYS B 389 -14.54 -24.84 -5.45
C LYS B 389 -14.26 -26.33 -5.45
N THR B 390 -15.01 -27.06 -6.26
CA THR B 390 -14.80 -28.49 -6.35
C THR B 390 -13.37 -28.70 -6.82
N PHE B 391 -13.04 -28.02 -7.92
CA PHE B 391 -11.72 -28.12 -8.51
C PHE B 391 -10.58 -27.96 -7.55
N LEU B 392 -10.69 -27.00 -6.64
CA LEU B 392 -9.62 -26.75 -5.69
C LEU B 392 -9.71 -27.53 -4.39
N GLY B 393 -10.88 -28.08 -4.09
CA GLY B 393 -10.97 -28.82 -2.84
C GLY B 393 -11.90 -28.13 -1.89
N ASP B 394 -11.38 -27.20 -1.09
CA ASP B 394 -12.26 -26.49 -0.16
C ASP B 394 -13.13 -25.49 -0.89
N ASP B 395 -14.10 -24.95 -0.16
CA ASP B 395 -15.01 -23.97 -0.71
C ASP B 395 -14.45 -22.56 -0.58
N ARG B 396 -14.34 -22.13 0.67
CA ARG B 396 -13.85 -20.81 1.06
C ARG B 396 -13.43 -19.88 -0.07
N ARG B 397 -12.55 -20.32 -0.96
CA ARG B 397 -12.13 -19.40 -2.03
C ARG B 397 -12.76 -19.60 -3.42
N VAL B 398 -12.70 -18.51 -4.19
CA VAL B 398 -13.33 -18.42 -5.50
C VAL B 398 -12.50 -18.35 -6.76
N TYR B 399 -13.19 -18.01 -7.84
CA TYR B 399 -12.61 -17.88 -9.15
C TYR B 399 -11.49 -16.88 -9.18
N LYS B 400 -11.83 -15.62 -8.88
CA LYS B 400 -10.84 -14.55 -8.90
C LYS B 400 -9.57 -14.83 -8.10
N ASP B 401 -9.40 -16.07 -7.66
CA ASP B 401 -8.23 -16.49 -6.90
C ASP B 401 -7.11 -16.78 -7.88
N SER B 402 -7.50 -16.99 -9.13
CA SER B 402 -6.53 -17.24 -10.18
C SER B 402 -5.56 -16.06 -10.19
N ARG B 403 -6.07 -14.85 -9.97
CA ARG B 403 -5.20 -13.66 -9.95
C ARG B 403 -4.19 -13.80 -8.81
N ALA B 404 -4.71 -13.80 -7.58
CA ALA B 404 -3.88 -13.93 -6.39
C ALA B 404 -2.83 -15.02 -6.63
N ILE B 405 -3.29 -16.21 -7.02
CA ILE B 405 -2.37 -17.32 -7.30
C ILE B 405 -1.35 -16.83 -8.34
N TYR B 406 -1.80 -16.66 -9.58
CA TYR B 406 -0.94 -16.20 -10.67
C TYR B 406 0.13 -15.21 -10.24
N ALA B 407 -0.29 -14.08 -9.67
CA ALA B 407 0.64 -13.05 -9.21
C ALA B 407 1.75 -13.61 -8.28
N ARG B 408 1.44 -14.61 -7.45
CA ARG B 408 2.44 -15.22 -6.56
C ARG B 408 3.46 -15.96 -7.43
N ILE B 409 2.95 -16.83 -8.30
CA ILE B 409 3.76 -17.59 -9.24
C ILE B 409 4.64 -16.61 -10.00
N ALA B 410 4.03 -15.82 -10.88
CA ALA B 410 4.78 -14.83 -11.65
C ALA B 410 5.92 -14.21 -10.84
N TYR B 411 5.65 -13.85 -9.58
CA TYR B 411 6.64 -13.29 -8.68
C TYR B 411 7.73 -14.33 -8.44
N GLU B 412 7.40 -15.34 -7.65
CA GLU B 412 8.33 -16.44 -7.35
C GLU B 412 9.01 -16.96 -8.60
N MET B 413 8.40 -16.73 -9.76
CA MET B 413 8.94 -17.23 -11.00
C MET B 413 9.82 -16.28 -11.80
N PHE B 414 9.50 -14.99 -11.82
CA PHE B 414 10.31 -14.07 -12.63
C PHE B 414 10.91 -12.82 -12.02
N PHE B 415 10.62 -12.52 -10.76
CA PHE B 415 11.15 -11.29 -10.16
C PHE B 415 12.66 -11.23 -10.20
N ARG B 416 13.33 -12.20 -9.59
CA ARG B 416 14.81 -12.21 -9.59
C ARG B 416 15.44 -12.66 -10.90
N VAL B 417 14.65 -13.05 -11.90
CA VAL B 417 15.19 -13.53 -13.17
C VAL B 417 15.05 -12.64 -14.40
N ASP B 418 13.83 -12.22 -14.72
CA ASP B 418 13.66 -11.37 -15.89
C ASP B 418 14.37 -10.06 -15.63
N PRO B 419 15.37 -9.73 -16.45
CA PRO B 419 16.13 -8.49 -16.33
C PRO B 419 15.26 -7.25 -16.52
N ARG B 420 13.95 -7.45 -16.55
CA ARG B 420 13.02 -6.35 -16.71
C ARG B 420 12.87 -5.56 -15.40
N TRP B 421 12.96 -6.27 -14.27
CA TRP B 421 12.79 -5.67 -12.95
C TRP B 421 14.08 -5.43 -12.20
N LYS B 422 15.17 -5.31 -12.93
CA LYS B 422 16.47 -5.07 -12.32
C LYS B 422 16.41 -3.97 -11.26
N ASN B 423 15.96 -2.77 -11.65
CA ASN B 423 15.92 -1.61 -10.75
C ASN B 423 14.57 -1.16 -10.20
N VAL B 424 13.71 -2.10 -9.83
CA VAL B 424 12.36 -1.80 -9.33
C VAL B 424 12.00 -2.75 -8.19
N ASP B 425 11.19 -2.34 -7.21
CA ASP B 425 10.84 -3.26 -6.10
C ASP B 425 9.62 -4.17 -6.35
N GLU B 426 9.41 -5.19 -5.50
CA GLU B 426 8.28 -6.13 -5.71
C GLU B 426 6.93 -5.49 -5.96
N ASP B 427 6.64 -4.42 -5.23
CA ASP B 427 5.37 -3.74 -5.38
C ASP B 427 5.21 -3.28 -6.83
N VAL B 428 6.23 -2.64 -7.39
CA VAL B 428 6.13 -2.20 -8.79
C VAL B 428 5.72 -3.40 -9.62
N PHE B 429 6.40 -4.52 -9.38
CA PHE B 429 6.13 -5.79 -10.06
C PHE B 429 4.65 -6.17 -10.01
N PHE B 430 4.12 -6.38 -8.79
CA PHE B 430 2.72 -6.75 -8.69
C PHE B 430 1.84 -5.73 -9.40
N MET B 431 2.17 -4.46 -9.26
CA MET B 431 1.38 -3.42 -9.90
C MET B 431 1.32 -3.60 -11.40
N GLU B 432 2.46 -3.46 -12.06
CA GLU B 432 2.52 -3.59 -13.51
C GLU B 432 1.95 -4.90 -14.04
N ILE B 433 2.19 -5.99 -13.34
CA ILE B 433 1.67 -7.28 -13.79
C ILE B 433 0.16 -7.32 -13.64
N LEU B 434 -0.37 -6.49 -12.77
CA LEU B 434 -1.79 -6.45 -12.56
C LEU B 434 -2.51 -5.34 -13.33
N GLY B 435 -1.77 -4.33 -13.77
CA GLY B 435 -2.39 -3.24 -14.51
C GLY B 435 -2.89 -2.10 -13.65
N HIS B 436 -2.53 -2.13 -12.37
CA HIS B 436 -2.92 -1.11 -11.41
C HIS B 436 -2.30 0.24 -11.70
N ASP B 437 -3.03 1.30 -11.36
CA ASP B 437 -2.55 2.67 -11.55
C ASP B 437 -1.76 3.22 -10.36
N ASP B 438 -1.47 2.37 -9.38
CA ASP B 438 -0.72 2.74 -8.19
C ASP B 438 -0.33 1.49 -7.42
N GLU B 439 0.88 1.46 -6.88
CA GLU B 439 1.33 0.28 -6.16
C GLU B 439 0.53 -0.03 -4.90
N ASN B 440 -0.53 0.74 -4.67
CA ASN B 440 -1.36 0.56 -3.47
C ASN B 440 -2.37 -0.57 -3.49
N THR B 441 -3.08 -0.70 -4.59
CA THR B 441 -4.12 -1.72 -4.69
C THR B 441 -3.64 -3.15 -4.72
N GLN B 442 -2.36 -3.36 -4.95
CA GLN B 442 -1.88 -4.74 -4.96
C GLN B 442 -1.78 -5.34 -3.57
N LEU B 443 -2.36 -4.69 -2.58
CA LEU B 443 -2.33 -5.22 -1.22
C LEU B 443 -3.41 -6.27 -1.02
N HIS B 444 -4.29 -6.39 -2.00
CA HIS B 444 -5.39 -7.35 -1.96
C HIS B 444 -4.96 -8.67 -2.57
N TYR B 445 -3.91 -8.62 -3.37
CA TYR B 445 -3.45 -9.80 -4.05
C TYR B 445 -2.26 -10.56 -3.45
N LYS B 446 -2.32 -10.85 -2.16
CA LYS B 446 -1.20 -11.55 -1.54
C LYS B 446 -1.61 -12.58 -0.50
N GLN B 447 -2.82 -13.10 -0.67
CA GLN B 447 -3.39 -14.07 0.27
C GLN B 447 -2.86 -15.49 0.12
N PHE B 448 -2.09 -15.76 -0.92
CA PHE B 448 -1.58 -17.11 -1.11
C PHE B 448 -0.09 -17.29 -0.90
N LYS B 449 0.30 -18.48 -0.43
CA LYS B 449 1.71 -18.85 -0.23
C LYS B 449 1.89 -20.18 -0.94
N LEU B 450 3.02 -20.32 -1.64
CA LEU B 450 3.29 -21.53 -2.40
C LEU B 450 4.12 -22.51 -1.62
N ALA B 451 3.69 -23.77 -1.60
CA ALA B 451 4.43 -24.83 -0.92
C ALA B 451 4.93 -25.73 -2.02
N ASN B 452 6.24 -25.97 -2.05
CA ASN B 452 6.89 -26.82 -3.05
C ASN B 452 6.96 -26.18 -4.42
N PHE B 453 7.56 -24.98 -4.48
CA PHE B 453 7.70 -24.29 -5.75
C PHE B 453 9.08 -24.53 -6.36
N SER B 454 9.12 -24.73 -7.67
CA SER B 454 10.38 -24.94 -8.37
C SER B 454 10.29 -24.25 -9.72
N ARG B 455 11.31 -23.48 -10.06
CA ARG B 455 11.28 -22.81 -11.36
C ARG B 455 11.38 -23.88 -12.47
N THR B 456 11.65 -25.11 -12.03
CA THR B 456 11.85 -26.25 -12.93
C THR B 456 10.73 -27.30 -13.04
N TRP B 457 9.53 -27.01 -12.54
CA TRP B 457 8.44 -27.98 -12.62
C TRP B 457 8.10 -28.39 -14.07
N ARG B 458 7.66 -29.64 -14.22
CA ARG B 458 7.26 -30.19 -15.52
C ARG B 458 6.07 -31.13 -15.31
N PRO B 459 5.14 -31.17 -16.28
CA PRO B 459 3.95 -32.01 -16.22
C PRO B 459 4.27 -33.50 -16.23
N ASN B 460 3.27 -34.32 -16.55
CA ASN B 460 3.45 -35.77 -16.61
C ASN B 460 2.95 -36.39 -17.92
N VAL B 461 3.47 -37.55 -18.23
CA VAL B 461 3.06 -38.29 -19.42
C VAL B 461 1.79 -39.03 -19.05
N GLY B 462 1.88 -39.87 -18.02
CA GLY B 462 0.70 -40.61 -17.57
C GLY B 462 0.80 -42.06 -17.14
N GLU B 463 -0.19 -42.46 -16.34
CA GLU B 463 -0.36 -43.82 -15.82
C GLU B 463 -1.88 -43.95 -15.74
N GLU B 464 -2.38 -45.02 -15.15
CA GLU B 464 -3.83 -45.20 -15.07
C GLU B 464 -4.28 -46.15 -13.95
N ASN B 465 -4.41 -45.61 -12.75
CA ASN B 465 -4.84 -46.42 -11.62
C ASN B 465 -6.14 -47.12 -11.98
N ALA B 466 -7.12 -46.34 -12.40
CA ALA B 466 -8.43 -46.86 -12.77
C ALA B 466 -8.45 -48.14 -13.62
N ARG B 467 -8.26 -48.04 -14.95
CA ARG B 467 -8.30 -49.26 -15.79
C ARG B 467 -7.51 -50.42 -15.22
N LEU B 468 -6.29 -50.15 -14.75
CA LEU B 468 -5.46 -51.20 -14.20
C LEU B 468 -6.21 -52.04 -13.16
N ALA B 469 -6.81 -51.36 -12.19
CA ALA B 469 -7.56 -52.02 -11.12
C ALA B 469 -8.70 -52.85 -11.69
N ALA B 470 -9.53 -52.21 -12.52
CA ALA B 470 -10.66 -52.87 -13.15
C ALA B 470 -10.14 -54.07 -13.94
N LEU B 471 -8.90 -53.96 -14.42
CA LEU B 471 -8.27 -55.02 -15.17
C LEU B 471 -8.01 -56.24 -14.28
N GLN B 472 -7.42 -56.01 -13.11
CA GLN B 472 -7.10 -57.09 -12.17
C GLN B 472 -8.29 -58.01 -11.92
N LYS B 473 -9.50 -57.49 -12.12
CA LYS B 473 -10.71 -58.28 -11.93
C LYS B 473 -11.31 -58.54 -13.29
N LEU B 474 -10.46 -58.60 -14.31
CA LEU B 474 -10.90 -58.81 -15.69
C LEU B 474 -11.59 -60.16 -15.83
N ASP B 475 -11.03 -61.03 -16.68
CA ASP B 475 -11.61 -62.35 -16.91
C ASP B 475 -11.83 -63.00 -15.56
N SER B 476 -10.80 -62.95 -14.72
CA SER B 476 -10.84 -63.52 -13.37
C SER B 476 -12.28 -63.94 -13.01
N MET B 477 -13.15 -62.96 -12.80
CA MET B 477 -14.53 -63.28 -12.43
C MET B 477 -15.58 -62.66 -13.34
N MET B 478 -15.35 -62.65 -14.65
CA MET B 478 -16.33 -62.06 -15.56
C MET B 478 -17.18 -63.00 -16.39
N PRO B 479 -16.67 -64.19 -16.71
CA PRO B 479 -17.52 -65.08 -17.51
C PRO B 479 -18.64 -65.64 -16.64
N ASP B 480 -18.33 -65.83 -15.36
CA ASP B 480 -19.30 -66.38 -14.40
C ASP B 480 -19.99 -65.34 -13.53
N PHE B 481 -19.84 -64.06 -13.87
CA PHE B 481 -20.49 -63.01 -13.09
C PHE B 481 -21.97 -62.92 -13.47
N ALA B 482 -22.32 -63.53 -14.59
CA ALA B 482 -23.69 -63.50 -15.04
C ALA B 482 -23.98 -64.59 -16.04
N ARG B 483 -25.22 -64.60 -16.50
CA ARG B 483 -25.68 -65.58 -17.48
C ARG B 483 -25.00 -65.33 -18.83
N GLY B 484 -23.95 -66.10 -19.11
CA GLY B 484 -23.25 -65.95 -20.36
C GLY B 484 -22.46 -64.66 -20.50
N ASP B 485 -22.38 -64.19 -21.74
CA ASP B 485 -21.66 -62.98 -22.12
C ASP B 485 -21.64 -61.85 -21.09
N ALA B 486 -22.77 -61.15 -20.96
CA ALA B 486 -22.92 -60.03 -20.02
C ALA B 486 -21.68 -59.72 -19.19
N GLY B 487 -21.37 -60.60 -18.24
CA GLY B 487 -20.22 -60.40 -17.39
C GLY B 487 -19.01 -59.72 -18.02
N VAL B 488 -18.61 -60.13 -19.21
CA VAL B 488 -17.47 -59.51 -19.85
C VAL B 488 -17.85 -58.33 -20.72
N ARG B 489 -19.03 -58.36 -21.32
CA ARG B 489 -19.47 -57.24 -22.17
C ARG B 489 -19.65 -55.94 -21.39
N ILE B 490 -20.08 -56.03 -20.14
CA ILE B 490 -20.26 -54.86 -19.29
C ILE B 490 -18.88 -54.40 -18.88
N HIS B 491 -18.12 -55.33 -18.32
CA HIS B 491 -16.76 -55.04 -17.89
C HIS B 491 -15.94 -54.45 -19.03
N GLU B 492 -16.05 -55.06 -20.21
CA GLU B 492 -15.30 -54.58 -21.36
C GLU B 492 -15.72 -53.14 -21.63
N THR B 493 -17.03 -52.91 -21.64
CA THR B 493 -17.57 -51.58 -21.87
C THR B 493 -17.01 -50.61 -20.85
N VAL B 494 -17.25 -50.89 -19.58
CA VAL B 494 -16.77 -50.04 -18.49
C VAL B 494 -15.29 -49.73 -18.63
N LYS B 495 -14.50 -50.74 -19.00
CA LYS B 495 -13.08 -50.53 -19.20
C LYS B 495 -12.93 -49.52 -20.32
N GLN B 496 -13.39 -49.89 -21.51
CA GLN B 496 -13.31 -49.03 -22.69
C GLN B 496 -13.70 -47.61 -22.30
N LEU B 497 -14.79 -47.50 -21.55
CA LEU B 497 -15.30 -46.22 -21.10
C LEU B 497 -14.35 -45.47 -20.18
N VAL B 498 -13.60 -46.19 -19.35
CA VAL B 498 -12.67 -45.54 -18.43
C VAL B 498 -11.37 -45.15 -19.13
N GLU B 499 -10.80 -46.07 -19.90
CA GLU B 499 -9.56 -45.81 -20.64
C GLU B 499 -9.70 -44.43 -21.31
N GLN B 500 -10.92 -44.12 -21.74
CA GLN B 500 -11.22 -42.85 -22.38
C GLN B 500 -10.99 -41.71 -21.41
N ASP B 501 -11.83 -41.69 -20.39
CA ASP B 501 -11.82 -40.67 -19.35
C ASP B 501 -11.41 -41.32 -18.01
N PRO B 502 -10.09 -41.39 -17.73
CA PRO B 502 -9.62 -42.01 -16.48
C PRO B 502 -10.21 -41.39 -15.23
N SER B 503 -11.07 -40.40 -15.41
CA SER B 503 -11.69 -39.69 -14.29
C SER B 503 -13.23 -39.64 -14.33
N ILE B 504 -13.81 -40.41 -15.25
CA ILE B 504 -15.27 -40.42 -15.41
C ILE B 504 -16.05 -41.17 -14.32
N LYS B 505 -17.26 -40.67 -14.06
CA LYS B 505 -18.14 -41.27 -13.08
C LYS B 505 -19.16 -42.20 -13.73
N ILE B 506 -18.98 -43.50 -13.52
CA ILE B 506 -19.89 -44.52 -14.06
C ILE B 506 -21.09 -44.70 -13.14
N THR B 507 -22.27 -44.33 -13.64
CA THR B 507 -23.49 -44.46 -12.87
C THR B 507 -24.46 -45.35 -13.64
N ASN B 508 -25.64 -45.53 -13.09
CA ASN B 508 -26.67 -46.34 -13.72
C ASN B 508 -27.00 -45.72 -15.06
N SER B 509 -27.01 -44.39 -15.14
CA SER B 509 -27.35 -43.73 -16.38
C SER B 509 -26.27 -43.81 -17.45
N THR B 510 -25.02 -44.04 -17.04
CA THR B 510 -23.91 -44.12 -17.97
C THR B 510 -23.94 -45.39 -18.81
N LEU B 511 -24.50 -46.45 -18.25
CA LEU B 511 -24.52 -47.72 -18.94
C LEU B 511 -25.82 -48.14 -19.60
N ARG B 512 -26.94 -47.55 -19.18
CA ARG B 512 -28.23 -47.92 -19.77
C ARG B 512 -28.33 -47.64 -21.27
N PRO B 513 -27.79 -46.50 -21.73
CA PRO B 513 -27.85 -46.16 -23.15
C PRO B 513 -27.18 -47.25 -24.00
N PHE B 514 -26.43 -48.13 -23.34
CA PHE B 514 -25.75 -49.22 -24.02
C PHE B 514 -26.64 -50.46 -24.10
N ASN B 515 -27.71 -50.48 -23.31
CA ASN B 515 -28.67 -51.59 -23.28
C ASN B 515 -28.20 -52.87 -22.58
N PHE B 516 -28.14 -52.82 -21.25
CA PHE B 516 -27.75 -53.95 -20.40
C PHE B 516 -28.91 -54.13 -19.41
N SER B 517 -29.23 -55.37 -19.02
CA SER B 517 -30.35 -55.60 -18.11
C SER B 517 -30.32 -54.58 -16.97
N THR B 518 -31.36 -53.75 -16.89
CA THR B 518 -31.44 -52.75 -15.84
C THR B 518 -31.13 -53.31 -14.45
N ARG B 519 -31.70 -54.48 -14.11
CA ARG B 519 -31.46 -55.11 -12.80
C ARG B 519 -30.05 -55.78 -12.82
N LEU B 520 -29.21 -55.40 -13.78
CA LEU B 520 -27.86 -55.97 -13.90
C LEU B 520 -26.72 -54.96 -13.72
N ILE B 521 -26.91 -53.75 -14.24
CA ILE B 521 -25.90 -52.68 -14.14
C ILE B 521 -25.50 -52.44 -12.68
N PRO B 522 -26.47 -52.05 -11.84
CA PRO B 522 -26.17 -51.78 -10.44
C PRO B 522 -25.51 -52.97 -9.74
N ARG B 523 -25.85 -54.18 -10.20
CA ARG B 523 -25.29 -55.40 -9.64
C ARG B 523 -23.81 -55.38 -9.93
N TYR B 524 -23.45 -54.81 -11.08
CA TYR B 524 -22.06 -54.73 -11.50
C TYR B 524 -21.30 -53.64 -10.74
N LEU B 525 -21.89 -52.45 -10.67
CA LEU B 525 -21.30 -51.32 -9.97
C LEU B 525 -20.98 -51.64 -8.50
N GLU B 526 -21.89 -52.36 -7.84
CA GLU B 526 -21.70 -52.73 -6.45
C GLU B 526 -20.44 -53.58 -6.39
N PHE B 527 -20.21 -54.34 -7.45
CA PHE B 527 -19.03 -55.19 -7.51
C PHE B 527 -17.78 -54.40 -7.82
N ALA B 528 -17.71 -53.83 -9.04
CA ALA B 528 -16.55 -53.05 -9.48
C ALA B 528 -16.30 -51.84 -8.60
N ALA B 529 -17.15 -51.69 -7.58
CA ALA B 529 -17.09 -50.59 -6.63
C ALA B 529 -15.70 -50.11 -6.20
N ASP B 530 -14.81 -51.02 -5.82
CA ASP B 530 -13.49 -50.61 -5.39
C ASP B 530 -12.48 -50.35 -6.50
N ALA B 531 -12.61 -51.05 -7.62
CA ALA B 531 -11.68 -50.84 -8.72
C ALA B 531 -11.99 -49.51 -9.40
N LEU B 532 -13.27 -49.14 -9.44
CA LEU B 532 -13.69 -47.89 -10.05
C LEU B 532 -13.57 -46.74 -9.06
N GLY B 533 -13.29 -47.05 -7.80
CA GLY B 533 -13.15 -46.03 -6.79
C GLY B 533 -14.41 -45.23 -6.59
N GLN B 534 -15.53 -45.91 -6.41
CA GLN B 534 -16.78 -45.20 -6.19
C GLN B 534 -17.46 -45.77 -4.95
N PHE B 535 -18.24 -44.92 -4.27
CA PHE B 535 -18.95 -45.33 -3.07
C PHE B 535 -20.32 -44.67 -3.15
N VAL B 536 -21.28 -45.21 -2.40
CA VAL B 536 -22.60 -44.61 -2.41
C VAL B 536 -22.75 -43.71 -1.19
N GLY B 537 -23.17 -42.47 -1.44
CA GLY B 537 -23.36 -41.54 -0.34
C GLY B 537 -24.82 -41.57 0.04
N GLU B 538 -25.31 -40.47 0.59
CA GLU B 538 -26.70 -40.40 0.99
C GLU B 538 -27.58 -40.10 -0.21
N ASN B 539 -27.41 -40.88 -1.29
CA ASN B 539 -28.20 -40.72 -2.51
C ASN B 539 -27.74 -41.66 -3.64
N GLY B 540 -27.03 -41.13 -4.64
CA GLY B 540 -26.55 -41.94 -5.74
C GLY B 540 -25.10 -42.37 -5.51
N GLN B 541 -24.42 -42.79 -6.57
CA GLN B 541 -23.02 -43.22 -6.43
C GLN B 541 -22.09 -42.05 -6.71
N TRP B 542 -21.03 -41.94 -5.91
CA TRP B 542 -20.04 -40.87 -6.06
C TRP B 542 -18.64 -41.42 -6.20
N GLN B 543 -17.68 -40.50 -6.29
CA GLN B 543 -16.26 -40.84 -6.41
C GLN B 543 -15.45 -40.32 -5.24
N LEU B 544 -14.85 -41.25 -4.51
CA LEU B 544 -14.02 -40.92 -3.37
C LEU B 544 -13.03 -39.84 -3.82
N LYS B 545 -12.63 -38.96 -2.89
CA LYS B 545 -11.66 -37.90 -3.20
C LYS B 545 -10.38 -38.53 -3.75
N ASP B 546 -9.75 -37.90 -4.74
CA ASP B 546 -8.53 -38.42 -5.36
C ASP B 546 -7.24 -38.17 -4.54
N GLU B 547 -6.62 -37.01 -4.75
CA GLU B 547 -5.39 -36.63 -4.05
C GLU B 547 -5.63 -35.61 -2.95
N ALA B 548 -4.57 -34.87 -2.64
CA ALA B 548 -4.62 -33.82 -1.63
C ALA B 548 -4.87 -32.46 -2.31
N PRO B 549 -6.15 -32.03 -2.36
CA PRO B 549 -6.56 -30.75 -2.99
C PRO B 549 -5.57 -29.61 -2.81
N ALA B 550 -5.07 -29.11 -3.94
CA ALA B 550 -4.09 -28.03 -3.98
C ALA B 550 -4.02 -27.17 -2.73
N ILE B 551 -5.13 -27.09 -1.99
CA ILE B 551 -5.16 -26.29 -0.76
C ILE B 551 -4.76 -27.12 0.45
N VAL B 552 -3.48 -26.99 0.81
CA VAL B 552 -2.89 -27.68 1.94
C VAL B 552 -3.60 -27.27 3.24
N LEU B 553 -4.11 -28.24 3.98
CA LEU B 553 -4.81 -27.97 5.25
C LEU B 553 -3.93 -27.24 6.28
N PRO B 554 -4.55 -26.65 7.32
CA PRO B 554 -3.83 -25.93 8.38
C PRO B 554 -3.07 -26.78 9.39
N ASP B 555 -2.23 -26.20 10.13
#